data_6Z7B
#
_entry.id   6Z7B
#
_cell.length_a   52.688
_cell.length_b   79.219
_cell.length_c   118.029
_cell.angle_alpha   90.000
_cell.angle_beta   90.780
_cell.angle_gamma   90.000
#
_symmetry.space_group_name_H-M   'P 1 21 1'
#
loop_
_entity.id
_entity.type
_entity.pdbx_description
1 polymer 'Variant surface glycoprotein Sur'
2 branched alpha-D-mannopyranose-(1-2)-alpha-D-mannopyranose-(1-6)-[alpha-D-mannopyranose-(1-3)]alpha-D-mannopyranose-(1-6)-[alpha-D-mannopyranose-(1-2)-alpha-D-mannopyranose-(1-3)]beta-D-mannopyranose-(1-4)-2-acetamido-2-deoxy-beta-D-glucopyranose-(1-4)-2-acetamido-2-deoxy-beta-D-glucopyranose
3 branched alpha-D-mannopyranose-(1-2)-alpha-D-mannopyranose-(1-2)-alpha-D-mannopyranose-(1-3)-[alpha-D-mannopyranose-(1-2)-alpha-D-mannopyranose-(1-3)-alpha-D-mannopyranose-(1-6)]beta-D-mannopyranose-(1-4)-2-acetamido-2-deoxy-beta-D-glucopyranose-(1-4)-2-acetamido-2-deoxy-beta-D-glucopyranose
4 non-polymer "8,8'-[CARBONYLBIS[IMINO-3,1-PHENYLENECARBONYLIMINO(4-METHYL-3,1-PHENYLENE)CARBONYLIMINO]]BIS-1,3,5-NAPHTHALENETRISULFON IC ACID"
5 water water
#
_entity_poly.entity_id   1
_entity_poly.type   'polypeptide(L)'
_entity_poly.pdbx_seq_one_letter_code
;MQAVTRFFRHLITLTAVALLAAFLDTVNAAKDTAAGHVTTPCTEILFDLTLAKHYENQIQAAESALNRNYAAIRSWTLLE
AMSSDGNRQNAYTGLIAYGIQITVNAEQELQGPKQTKLRAAHALRHRAANLSAALQIQAAQQATLTKPTAGGAQTPFSGA
TGTCKYEGITATAGEQSCKYSTEDEEKINAAHMNPEVMTQITTIGDKYLTTITLDAIAGSKGNPTQSSATYAEQDCQDGG
NPGPNFGGANALGLQVTKLGTKATTEKTNLYTAGGTECEHQPGNGPQKTKQRLAYLVCEANKAAIITPTDLQTLTLDALI
SAPEMAAIGDALLTDEPATEKEYSSAQHTQIQQLLKKAYGQTNEQFQKNFIKPLAAQTVKFKIGGAEVSNTVAALMSSPN
SGLALAYHKGKNKLQHQVKPDTPLVESKKGSECQVIEDKEKCKTTYGCELKGDKCVVKMTTKGEVTGTQNTTGSNSFVIK
KAPLLLAFLLF
;
_entity_poly.pdbx_strand_id   A,B
#
loop_
_chem_comp.id
_chem_comp.type
_chem_comp.name
_chem_comp.formula
BMA D-saccharide, beta linking beta-D-mannopyranose 'C6 H12 O6'
MAN D-saccharide, alpha linking alpha-D-mannopyranose 'C6 H12 O6'
NAG D-saccharide, beta linking 2-acetamido-2-deoxy-beta-D-glucopyranose 'C8 H15 N O6'
SVR non-polymer '8,8'-[CARBONYLBIS[IMINO-3,1-PHENYLENECARBONYLIMINO(4-METHYL-3,1-PHENYLENE)CARBONYLIMINO]]BIS-1,3,5-NAPHTHALENETRISULFON IC ACID' 'C51 H40 N6 O23 S6'
#
# COMPACT_ATOMS: atom_id res chain seq x y z
N ALA A 30 0.73 -30.11 -10.04
CA ALA A 30 0.31 -28.95 -10.81
C ALA A 30 0.02 -27.78 -9.87
N LYS A 31 -0.50 -28.09 -8.70
CA LYS A 31 -0.80 -27.02 -7.76
C LYS A 31 0.46 -26.65 -6.95
N ASP A 32 0.48 -25.42 -6.47
CA ASP A 32 1.49 -24.91 -5.55
C ASP A 32 2.88 -24.84 -6.18
N THR A 33 2.97 -24.57 -7.48
CA THR A 33 4.26 -24.40 -8.14
C THR A 33 5.05 -23.24 -7.54
N ALA A 34 4.38 -22.11 -7.29
CA ALA A 34 5.07 -20.92 -6.78
C ALA A 34 5.48 -21.08 -5.32
N ALA A 35 4.52 -21.46 -4.46
CA ALA A 35 4.82 -21.62 -3.03
C ALA A 35 5.77 -22.80 -2.79
N GLY A 36 5.64 -23.85 -3.57
CA GLY A 36 6.52 -24.99 -3.41
C GLY A 36 7.96 -24.70 -3.76
N HIS A 37 8.23 -23.61 -4.49
CA HIS A 37 9.59 -23.18 -4.81
C HIS A 37 10.19 -22.29 -3.72
N VAL A 38 9.42 -21.92 -2.70
CA VAL A 38 9.93 -21.05 -1.65
C VAL A 38 10.76 -21.92 -0.69
N THR A 39 12.07 -21.65 -0.66
CA THR A 39 13.01 -22.38 0.18
C THR A 39 13.90 -21.48 1.02
N THR A 40 13.86 -20.15 0.83
CA THR A 40 14.84 -19.23 1.38
C THR A 40 14.13 -17.93 1.70
N PRO A 41 14.71 -17.08 2.57
CA PRO A 41 14.16 -15.72 2.72
C PRO A 41 13.94 -14.98 1.42
N CYS A 42 14.93 -14.99 0.51
CA CYS A 42 14.78 -14.27 -0.74
C CYS A 42 13.64 -14.81 -1.60
N THR A 43 13.45 -16.13 -1.64
CA THR A 43 12.35 -16.65 -2.44
C THR A 43 10.99 -16.46 -1.78
N GLU A 44 10.91 -16.41 -0.45
CA GLU A 44 9.65 -16.00 0.15
C GLU A 44 9.34 -14.56 -0.16
N ILE A 45 10.33 -13.68 -0.06
CA ILE A 45 10.16 -12.28 -0.47
C ILE A 45 9.62 -12.21 -1.91
N LEU A 46 10.24 -12.95 -2.82
CA LEU A 46 9.79 -12.91 -4.22
C LEU A 46 8.35 -13.38 -4.35
N PHE A 47 7.97 -14.45 -3.62
CA PHE A 47 6.59 -14.89 -3.60
C PHE A 47 5.67 -13.80 -3.07
N ASP A 48 6.02 -13.22 -1.92
CA ASP A 48 5.14 -12.26 -1.26
C ASP A 48 4.91 -11.03 -2.11
N LEU A 49 5.96 -10.50 -2.76
CA LEU A 49 5.84 -9.32 -3.62
C LEU A 49 5.11 -9.65 -4.92
N THR A 50 5.38 -10.81 -5.49
CA THR A 50 4.73 -11.19 -6.73
C THR A 50 3.23 -11.35 -6.53
N LEU A 51 2.80 -12.01 -5.44
CA LEU A 51 1.38 -12.16 -5.14
C LEU A 51 0.72 -10.81 -4.82
N ALA A 52 1.39 -9.95 -4.07
CA ALA A 52 0.86 -8.61 -3.82
C ALA A 52 0.62 -7.87 -5.12
N LYS A 53 1.63 -7.88 -6.01
CA LYS A 53 1.46 -7.18 -7.30
CA LYS A 53 1.48 -7.21 -7.33
C LYS A 53 0.34 -7.79 -8.18
N HIS A 54 0.20 -9.12 -8.08
CA HIS A 54 -0.91 -9.79 -8.76
C HIS A 54 -2.24 -9.20 -8.33
N TYR A 55 -2.50 -9.21 -7.02
CA TYR A 55 -3.76 -8.64 -6.52
C TYR A 55 -3.89 -7.18 -6.91
N GLU A 56 -2.81 -6.42 -6.76
CA GLU A 56 -2.82 -5.01 -7.12
C GLU A 56 -3.09 -4.83 -8.61
N ASN A 57 -2.59 -5.74 -9.44
CA ASN A 57 -2.81 -5.65 -10.86
C ASN A 57 -4.27 -5.91 -11.21
N GLN A 58 -4.89 -6.88 -10.52
CA GLN A 58 -6.31 -7.16 -10.72
C GLN A 58 -7.19 -5.96 -10.41
N ILE A 59 -6.90 -5.27 -9.30
CA ILE A 59 -7.64 -4.04 -8.99
C ILE A 59 -7.41 -2.99 -10.05
N GLN A 60 -6.18 -2.85 -10.54
CA GLN A 60 -5.89 -1.86 -11.55
C GLN A 60 -6.61 -2.15 -12.86
N ALA A 61 -6.67 -3.41 -13.28
CA ALA A 61 -7.33 -3.74 -14.53
C ALA A 61 -8.83 -3.45 -14.46
N ALA A 62 -9.45 -3.74 -13.32
CA ALA A 62 -10.86 -3.47 -13.13
C ALA A 62 -11.16 -1.98 -13.12
N GLU A 63 -10.30 -1.18 -12.52
CA GLU A 63 -10.50 0.26 -12.48
C GLU A 63 -10.21 0.93 -13.82
N SER A 64 -9.24 0.41 -14.59
CA SER A 64 -9.03 0.91 -15.95
C SER A 64 -10.22 0.60 -16.84
N ALA A 65 -10.86 -0.56 -16.63
CA ALA A 65 -12.06 -0.91 -17.38
C ALA A 65 -13.22 -0.02 -17.00
N LEU A 66 -13.33 0.33 -15.71
CA LEU A 66 -14.35 1.30 -15.32
C LEU A 66 -14.07 2.64 -15.96
N ASN A 67 -12.81 3.06 -15.95
CA ASN A 67 -12.42 4.35 -16.52
C ASN A 67 -12.78 4.45 -18.00
N ARG A 68 -12.56 3.36 -18.74
CA ARG A 68 -12.90 3.36 -20.16
C ARG A 68 -14.39 3.42 -20.38
N ASN A 69 -15.16 2.73 -19.54
CA ASN A 69 -16.62 2.75 -19.65
C ASN A 69 -17.19 4.13 -19.37
N TYR A 70 -16.70 4.79 -18.33
CA TYR A 70 -17.13 6.14 -18.03
C TYR A 70 -16.70 7.12 -19.11
N ALA A 71 -15.55 6.90 -19.73
CA ALA A 71 -15.15 7.73 -20.85
C ALA A 71 -16.02 7.50 -22.09
N ALA A 72 -16.48 6.27 -22.31
CA ALA A 72 -17.43 6.02 -23.39
C ALA A 72 -18.76 6.70 -23.13
N ILE A 73 -19.23 6.67 -21.88
CA ILE A 73 -20.51 7.29 -21.58
C ILE A 73 -20.43 8.80 -21.80
N ARG A 74 -19.28 9.40 -21.52
CA ARG A 74 -19.09 10.83 -21.79
C ARG A 74 -19.09 11.10 -23.30
N SER A 75 -18.53 10.18 -24.10
CA SER A 75 -18.51 10.33 -25.55
C SER A 75 -19.92 10.27 -26.12
N TRP A 76 -20.71 9.29 -25.67
CA TRP A 76 -22.06 9.10 -26.18
C TRP A 76 -22.99 10.21 -25.73
N THR A 77 -22.67 10.85 -24.60
CA THR A 77 -23.46 11.98 -24.16
C THR A 77 -23.29 13.17 -25.10
N LEU A 78 -22.07 13.39 -25.62
CA LEU A 78 -21.89 14.41 -26.64
C LEU A 78 -22.53 14.00 -27.96
N LEU A 79 -22.38 12.74 -28.36
CA LEU A 79 -22.95 12.31 -29.63
C LEU A 79 -24.48 12.43 -29.63
N GLU A 80 -25.11 12.10 -28.50
CA GLU A 80 -26.55 12.33 -28.41
C GLU A 80 -26.87 13.81 -28.57
N ALA A 81 -26.07 14.68 -27.95
CA ALA A 81 -26.30 16.11 -28.02
C ALA A 81 -26.12 16.68 -29.43
N MET A 82 -25.40 15.96 -30.27
CA MET A 82 -25.18 16.36 -31.65
C MET A 82 -26.15 15.73 -32.64
N SER A 83 -26.88 14.70 -32.24
CA SER A 83 -27.89 14.11 -33.12
C SER A 83 -29.05 15.07 -33.35
N SER A 84 -29.51 15.11 -34.61
CA SER A 84 -30.79 15.72 -34.95
C SER A 84 -31.87 14.69 -35.21
N ASP A 85 -31.50 13.43 -35.43
CA ASP A 85 -32.47 12.36 -35.63
C ASP A 85 -32.98 11.87 -34.28
N GLY A 86 -34.30 11.93 -34.10
CA GLY A 86 -34.90 11.42 -32.89
C GLY A 86 -34.58 9.96 -32.64
N ASN A 87 -34.52 9.16 -33.71
CA ASN A 87 -34.20 7.74 -33.55
C ASN A 87 -32.74 7.55 -33.17
N ARG A 88 -31.83 8.28 -33.82
CA ARG A 88 -30.42 8.21 -33.44
C ARG A 88 -30.21 8.73 -32.02
N GLN A 89 -30.76 9.91 -31.73
CA GLN A 89 -30.78 10.42 -30.37
C GLN A 89 -31.16 9.32 -29.37
N ASN A 90 -32.28 8.65 -29.61
CA ASN A 90 -32.73 7.60 -28.69
C ASN A 90 -31.76 6.45 -28.61
N ALA A 91 -31.04 6.18 -29.71
CA ALA A 91 -30.06 5.09 -29.71
C ALA A 91 -28.85 5.42 -28.84
N TYR A 92 -28.35 6.66 -28.92
CA TYR A 92 -27.27 7.09 -28.03
C TYR A 92 -27.73 7.07 -26.58
N THR A 93 -28.95 7.53 -26.31
CA THR A 93 -29.43 7.50 -24.92
C THR A 93 -29.52 6.09 -24.39
N GLY A 94 -29.79 5.12 -25.26
CA GLY A 94 -29.81 3.74 -24.82
C GLY A 94 -28.44 3.23 -24.39
N LEU A 95 -27.39 3.66 -25.10
CA LEU A 95 -26.04 3.26 -24.73
C LEU A 95 -25.56 3.96 -23.46
N ILE A 96 -25.91 5.24 -23.30
CA ILE A 96 -25.62 5.94 -22.05
C ILE A 96 -26.30 5.22 -20.88
N ALA A 97 -27.58 4.90 -21.03
CA ALA A 97 -28.31 4.25 -19.94
C ALA A 97 -27.75 2.86 -19.64
N TYR A 98 -27.44 2.07 -20.67
CA TYR A 98 -26.85 0.75 -20.46
C TYR A 98 -25.48 0.85 -19.78
N GLY A 99 -24.60 1.69 -20.32
CA GLY A 99 -23.27 1.82 -19.77
C GLY A 99 -23.25 2.33 -18.34
N ILE A 100 -24.13 3.28 -18.03
CA ILE A 100 -24.22 3.78 -16.65
C ILE A 100 -24.63 2.66 -15.72
N GLN A 101 -25.64 1.86 -16.10
CA GLN A 101 -26.13 0.82 -15.22
C GLN A 101 -25.06 -0.23 -14.96
N ILE A 102 -24.39 -0.69 -16.00
CA ILE A 102 -23.41 -1.75 -15.79
C ILE A 102 -22.15 -1.21 -15.15
N THR A 103 -21.72 0.00 -15.51
CA THR A 103 -20.47 0.51 -14.94
C THR A 103 -20.66 0.94 -13.49
N VAL A 104 -21.74 1.64 -13.17
CA VAL A 104 -21.98 1.98 -11.78
C VAL A 104 -22.10 0.71 -10.96
N ASN A 105 -22.83 -0.26 -11.47
CA ASN A 105 -22.99 -1.52 -10.74
C ASN A 105 -21.64 -2.21 -10.53
N ALA A 106 -20.79 -2.22 -11.55
CA ALA A 106 -19.50 -2.90 -11.40
C ALA A 106 -18.59 -2.16 -10.44
N GLU A 107 -18.61 -0.83 -10.49
CA GLU A 107 -17.80 -0.05 -9.55
C GLU A 107 -18.23 -0.35 -8.12
N GLN A 108 -19.53 -0.41 -7.85
CA GLN A 108 -20.00 -0.76 -6.54
CA GLN A 108 -20.01 -0.79 -6.51
C GLN A 108 -19.62 -2.23 -6.10
N GLU A 109 -19.67 -3.11 -7.09
CA GLU A 109 -19.34 -4.50 -6.80
C GLU A 109 -17.87 -4.71 -6.56
N LEU A 110 -17.02 -3.89 -7.17
CA LEU A 110 -15.58 -4.00 -7.02
C LEU A 110 -15.11 -3.69 -5.60
N GLN A 111 -15.87 -2.89 -4.85
CA GLN A 111 -15.32 -2.30 -3.64
C GLN A 111 -14.98 -3.35 -2.57
N GLY A 112 -15.81 -4.37 -2.40
CA GLY A 112 -15.54 -5.41 -1.45
C GLY A 112 -14.31 -6.24 -1.76
N PRO A 113 -14.30 -6.88 -2.94
CA PRO A 113 -13.08 -7.55 -3.41
C PRO A 113 -11.84 -6.66 -3.44
N LYS A 114 -11.96 -5.41 -3.87
CA LYS A 114 -10.79 -4.53 -3.86
C LYS A 114 -10.22 -4.40 -2.44
N GLN A 115 -11.08 -4.20 -1.44
CA GLN A 115 -10.56 -4.04 -0.09
C GLN A 115 -10.00 -5.35 0.47
N THR A 116 -10.60 -6.50 0.14
CA THR A 116 -10.05 -7.78 0.55
C THR A 116 -8.69 -8.04 -0.08
N LYS A 117 -8.56 -7.76 -1.38
CA LYS A 117 -7.29 -7.99 -2.06
C LYS A 117 -6.20 -7.03 -1.62
N LEU A 118 -6.56 -5.76 -1.36
CA LEU A 118 -5.59 -4.80 -0.85
C LEU A 118 -5.11 -5.19 0.54
N ARG A 119 -6.00 -5.72 1.39
CA ARG A 119 -5.59 -6.15 2.73
C ARG A 119 -4.50 -7.20 2.65
N ALA A 120 -4.67 -8.17 1.75
CA ALA A 120 -3.65 -9.18 1.52
C ALA A 120 -2.38 -8.57 0.96
N ALA A 121 -2.49 -7.78 -0.10
CA ALA A 121 -1.31 -7.20 -0.74
C ALA A 121 -0.49 -6.39 0.26
N HIS A 122 -1.16 -5.55 1.06
CA HIS A 122 -0.51 -4.80 2.13
C HIS A 122 0.27 -5.70 3.08
N ALA A 123 -0.38 -6.73 3.64
CA ALA A 123 0.30 -7.60 4.59
C ALA A 123 1.48 -8.33 3.95
N LEU A 124 1.33 -8.76 2.70
CA LEU A 124 2.40 -9.46 2.00
C LEU A 124 3.62 -8.57 1.79
N ARG A 125 3.42 -7.32 1.40
CA ARG A 125 4.53 -6.39 1.25
C ARG A 125 5.16 -6.04 2.60
N HIS A 126 4.33 -5.93 3.64
CA HIS A 126 4.83 -5.70 4.99
C HIS A 126 5.65 -6.88 5.50
N ARG A 127 5.18 -8.11 5.25
CA ARG A 127 5.95 -9.29 5.58
C ARG A 127 7.27 -9.33 4.81
N ALA A 128 7.24 -8.96 3.53
CA ALA A 128 8.45 -9.03 2.72
C ALA A 128 9.47 -8.02 3.21
N ALA A 129 9.02 -6.83 3.59
CA ALA A 129 9.89 -5.83 4.21
C ALA A 129 10.50 -6.37 5.49
N ASN A 130 9.67 -6.92 6.37
CA ASN A 130 10.13 -7.53 7.61
C ASN A 130 11.23 -8.55 7.36
N LEU A 131 10.99 -9.48 6.45
CA LEU A 131 11.97 -10.51 6.15
C LEU A 131 13.25 -9.91 5.58
N SER A 132 13.14 -8.89 4.71
CA SER A 132 14.33 -8.30 4.13
C SER A 132 15.21 -7.67 5.20
N ALA A 133 14.62 -7.00 6.20
CA ALA A 133 15.40 -6.46 7.29
C ALA A 133 16.00 -7.55 8.17
N ALA A 134 15.24 -8.60 8.51
CA ALA A 134 15.81 -9.70 9.29
C ALA A 134 16.94 -10.39 8.51
N LEU A 135 16.78 -10.50 7.20
CA LEU A 135 17.82 -11.05 6.34
C LEU A 135 19.14 -10.30 6.47
N GLN A 136 19.09 -8.97 6.57
CA GLN A 136 20.32 -8.20 6.68
C GLN A 136 21.06 -8.54 7.97
N ILE A 137 20.32 -8.68 9.06
CA ILE A 137 20.92 -8.95 10.37
C ILE A 137 21.36 -10.42 10.47
N GLN A 138 20.54 -11.35 9.99
CA GLN A 138 20.97 -12.74 10.08
C GLN A 138 22.12 -13.04 9.13
N ALA A 139 22.48 -12.12 8.25
CA ALA A 139 23.66 -12.28 7.44
C ALA A 139 24.95 -11.88 8.16
N ALA A 140 24.86 -11.26 9.34
CA ALA A 140 26.04 -10.90 10.13
C ALA A 140 26.53 -12.16 10.83
N GLN A 141 27.60 -12.74 10.29
CA GLN A 141 28.03 -14.06 10.72
C GLN A 141 29.45 -14.10 11.28
N GLN A 142 30.17 -12.98 11.28
CA GLN A 142 31.52 -12.91 11.83
CA GLN A 142 31.50 -12.93 11.86
C GLN A 142 31.59 -11.77 12.85
N ALA A 143 32.21 -12.03 14.01
CA ALA A 143 32.30 -11.07 15.10
C ALA A 143 33.65 -10.36 15.14
N THR A 144 33.60 -9.11 15.56
CA THR A 144 34.78 -8.26 15.76
C THR A 144 35.04 -8.18 17.25
N LEU A 145 36.13 -8.80 17.70
CA LEU A 145 36.49 -8.83 19.11
C LEU A 145 37.11 -7.51 19.53
N THR A 146 36.76 -7.08 20.74
CA THR A 146 37.36 -5.92 21.38
C THR A 146 38.40 -6.36 22.39
N LYS A 147 39.15 -5.39 22.89
CA LYS A 147 40.19 -5.64 23.89
C LYS A 147 39.55 -5.88 25.25
N PRO A 148 39.70 -7.05 25.85
CA PRO A 148 39.02 -7.37 27.11
C PRO A 148 39.71 -6.71 28.30
N THR A 149 39.20 -7.00 29.49
CA THR A 149 39.87 -6.65 30.73
C THR A 149 39.87 -7.86 31.66
N ALA A 150 41.06 -8.20 32.18
CA ALA A 150 41.24 -9.33 33.06
C ALA A 150 40.72 -9.02 34.46
N GLY A 151 40.11 -10.01 35.10
CA GLY A 151 39.57 -9.83 36.43
C GLY A 151 39.75 -11.08 37.27
N GLY A 152 39.16 -11.11 38.45
CA GLY A 152 39.22 -12.31 39.26
C GLY A 152 37.86 -12.95 39.36
N ALA A 153 37.29 -13.05 40.56
CA ALA A 153 35.95 -13.59 40.73
C ALA A 153 34.93 -12.45 40.63
N GLN A 154 34.47 -12.20 39.40
CA GLN A 154 33.44 -11.21 39.16
C GLN A 154 32.20 -11.88 38.60
N THR A 155 31.05 -11.28 38.87
CA THR A 155 29.81 -11.79 38.32
C THR A 155 29.89 -11.80 36.78
N PRO A 156 29.37 -12.84 36.12
CA PRO A 156 28.58 -13.98 36.60
C PRO A 156 29.39 -15.20 37.02
N PHE A 157 30.71 -15.06 37.10
CA PHE A 157 31.63 -16.13 37.50
C PHE A 157 32.20 -15.84 38.89
N SER A 158 31.32 -15.92 39.89
CA SER A 158 31.70 -15.65 41.26
C SER A 158 32.60 -16.71 41.86
N GLY A 159 32.85 -17.81 41.14
CA GLY A 159 33.72 -18.86 41.62
C GLY A 159 34.98 -19.01 40.82
N ALA A 160 35.15 -18.16 39.81
CA ALA A 160 36.35 -18.18 38.98
C ALA A 160 37.51 -17.57 39.73
N THR A 161 38.71 -18.05 39.43
CA THR A 161 39.92 -17.36 39.86
C THR A 161 40.42 -16.38 38.82
N GLY A 162 39.95 -16.48 37.60
CA GLY A 162 40.29 -15.51 36.57
C GLY A 162 39.13 -15.32 35.61
N THR A 163 38.94 -14.09 35.16
CA THR A 163 37.92 -13.76 34.19
C THR A 163 38.52 -12.82 33.15
N CYS A 164 38.04 -12.96 31.92
CA CYS A 164 38.43 -12.12 30.80
C CYS A 164 37.13 -11.60 30.21
N LYS A 165 36.92 -10.29 30.26
CA LYS A 165 35.61 -9.70 30.02
C LYS A 165 35.67 -8.78 28.82
N TYR A 166 34.80 -9.03 27.83
CA TYR A 166 34.75 -8.25 26.60
C TYR A 166 33.47 -7.43 26.54
N GLU A 167 33.57 -6.20 26.07
CA GLU A 167 32.39 -5.36 25.90
C GLU A 167 32.32 -4.82 24.48
N GLY A 168 31.12 -4.81 23.91
CA GLY A 168 30.95 -4.22 22.60
C GLY A 168 31.53 -5.03 21.46
N ILE A 169 31.54 -6.35 21.58
CA ILE A 169 31.73 -7.21 20.41
C ILE A 169 30.60 -6.94 19.43
N THR A 170 30.94 -6.71 18.16
CA THR A 170 29.94 -6.47 17.13
C THR A 170 30.04 -7.47 16.00
N ALA A 171 28.93 -7.59 15.27
CA ALA A 171 28.83 -8.42 14.07
C ALA A 171 27.99 -7.65 13.06
N THR A 172 28.56 -7.43 11.87
CA THR A 172 27.95 -6.68 10.78
C THR A 172 28.28 -7.38 9.47
N ALA A 173 27.29 -7.45 8.60
CA ALA A 173 27.52 -7.91 7.24
C ALA A 173 27.39 -6.73 6.28
N GLY A 174 27.99 -6.88 5.12
CA GLY A 174 27.78 -5.94 4.05
C GLY A 174 26.34 -5.95 3.59
N GLU A 175 26.03 -4.97 2.74
CA GLU A 175 24.66 -4.81 2.25
C GLU A 175 24.20 -6.06 1.51
N GLN A 176 23.10 -6.63 1.98
CA GLN A 176 22.56 -7.86 1.40
C GLN A 176 21.55 -7.52 0.33
N SER A 177 21.59 -8.29 -0.75
CA SER A 177 20.61 -8.20 -1.80
CA SER A 177 20.66 -8.21 -1.86
C SER A 177 20.07 -9.59 -2.08
N CYS A 178 18.88 -9.64 -2.65
CA CYS A 178 18.30 -10.89 -3.09
C CYS A 178 18.60 -11.07 -4.56
N LYS A 179 19.11 -12.24 -4.93
CA LYS A 179 19.39 -12.54 -6.31
C LYS A 179 18.63 -13.79 -6.73
N TYR A 180 18.13 -13.77 -7.97
CA TYR A 180 17.18 -14.77 -8.44
C TYR A 180 17.68 -15.47 -9.69
N SER A 181 17.51 -16.78 -9.71
CA SER A 181 17.74 -17.62 -10.85
C SER A 181 16.60 -17.52 -11.86
N THR A 182 16.89 -17.97 -13.07
CA THR A 182 15.86 -18.03 -14.10
C THR A 182 14.74 -18.97 -13.69
N GLU A 183 15.06 -20.08 -13.03
CA GLU A 183 14.05 -20.97 -12.49
C GLU A 183 13.22 -20.29 -11.41
N ASP A 184 13.86 -19.50 -10.54
CA ASP A 184 13.15 -18.75 -9.51
C ASP A 184 12.02 -17.92 -10.10
N GLU A 185 12.32 -17.16 -11.15
CA GLU A 185 11.39 -16.23 -11.77
C GLU A 185 10.34 -16.93 -12.62
N GLU A 186 10.66 -18.12 -13.13
CA GLU A 186 9.65 -18.89 -13.85
C GLU A 186 8.62 -19.50 -12.90
N LYS A 187 9.06 -20.07 -11.78
CA LYS A 187 8.16 -20.75 -10.87
C LYS A 187 7.40 -19.77 -9.99
N ILE A 188 8.07 -18.76 -9.47
CA ILE A 188 7.45 -17.80 -8.57
C ILE A 188 7.04 -16.62 -9.44
N ASN A 189 5.84 -16.74 -10.02
CA ASN A 189 5.40 -15.90 -11.11
C ASN A 189 3.89 -15.80 -11.03
N ALA A 190 3.35 -14.65 -11.42
CA ALA A 190 1.91 -14.42 -11.42
C ALA A 190 1.16 -15.40 -12.32
N ALA A 191 1.83 -15.97 -13.32
CA ALA A 191 1.26 -17.04 -14.14
C ALA A 191 0.89 -18.26 -13.32
N HIS A 192 1.51 -18.44 -12.15
CA HIS A 192 1.24 -19.57 -11.29
C HIS A 192 0.38 -19.19 -10.09
N MET A 193 -0.24 -18.01 -10.11
CA MET A 193 -0.92 -17.49 -8.94
C MET A 193 -2.41 -17.29 -9.16
N ASN A 194 -2.99 -18.07 -9.99
CA ASN A 194 -4.44 -18.13 -10.10
CA ASN A 194 -4.44 -18.10 -10.09
C ASN A 194 -5.01 -18.87 -8.90
N PRO A 195 -6.18 -18.47 -8.41
CA PRO A 195 -6.73 -19.11 -7.20
C PRO A 195 -6.84 -20.62 -7.28
N GLU A 196 -7.02 -21.18 -8.46
CA GLU A 196 -7.32 -22.60 -8.59
C GLU A 196 -6.11 -23.49 -8.38
N VAL A 197 -4.91 -22.94 -8.36
CA VAL A 197 -3.71 -23.73 -8.17
C VAL A 197 -3.06 -23.53 -6.82
N MET A 198 -3.66 -22.77 -5.90
CA MET A 198 -3.04 -22.38 -4.64
C MET A 198 -3.77 -22.99 -3.46
N THR A 199 -3.06 -23.84 -2.70
CA THR A 199 -3.57 -24.50 -1.51
C THR A 199 -2.76 -24.21 -0.25
N GLN A 200 -1.52 -23.74 -0.38
CA GLN A 200 -0.64 -23.48 0.76
C GLN A 200 0.22 -22.26 0.49
N ILE A 201 0.75 -21.68 1.57
CA ILE A 201 1.86 -20.73 1.48
C ILE A 201 3.03 -21.26 2.29
N THR A 202 4.22 -20.84 1.92
CA THR A 202 5.48 -21.19 2.56
C THR A 202 6.07 -19.92 3.17
N THR A 203 6.43 -19.98 4.43
CA THR A 203 7.04 -18.85 5.12
C THR A 203 8.27 -19.31 5.89
N ILE A 204 9.20 -18.38 6.06
CA ILE A 204 10.35 -18.61 6.93
C ILE A 204 9.89 -18.63 8.38
N GLY A 205 10.43 -19.56 9.16
CA GLY A 205 10.04 -19.69 10.56
C GLY A 205 10.36 -18.47 11.40
N ASP A 206 9.55 -18.33 12.46
CA ASP A 206 9.57 -17.11 13.30
C ASP A 206 10.91 -16.83 13.94
N LYS A 207 11.69 -17.87 14.24
CA LYS A 207 12.96 -17.64 14.91
C LYS A 207 13.92 -16.83 14.06
N TYR A 208 13.75 -16.86 12.73
CA TYR A 208 14.57 -16.00 11.87
C TYR A 208 14.30 -14.53 12.12
N LEU A 209 13.13 -14.21 12.64
CA LEU A 209 12.78 -12.82 12.83
C LEU A 209 12.93 -12.39 14.29
N THR A 210 13.16 -13.32 15.20
CA THR A 210 13.23 -13.01 16.63
C THR A 210 14.56 -13.32 17.29
N THR A 211 15.35 -14.25 16.76
CA THR A 211 16.40 -14.91 17.52
C THR A 211 17.78 -14.69 16.89
N ILE A 212 18.73 -14.27 17.73
CA ILE A 212 20.16 -14.23 17.40
C ILE A 212 20.79 -15.54 17.85
N THR A 213 21.59 -16.16 16.99
CA THR A 213 22.21 -17.44 17.28
C THR A 213 23.70 -17.28 17.08
N LEU A 214 24.50 -17.86 17.98
CA LEU A 214 25.95 -17.68 17.91
C LEU A 214 26.66 -18.90 18.47
N ASP A 215 27.89 -19.09 18.01
CA ASP A 215 28.80 -20.10 18.54
C ASP A 215 29.94 -19.40 19.26
N ALA A 216 30.27 -19.86 20.45
CA ALA A 216 31.39 -19.25 21.17
C ALA A 216 32.19 -20.33 21.89
N ILE A 217 33.45 -20.00 22.14
CA ILE A 217 34.38 -20.91 22.82
C ILE A 217 35.30 -20.10 23.73
N ALA A 218 35.52 -20.62 24.94
CA ALA A 218 36.50 -20.06 25.86
C ALA A 218 37.73 -20.98 25.92
N GLY A 219 38.85 -20.40 26.32
CA GLY A 219 40.09 -21.15 26.46
C GLY A 219 40.91 -20.69 27.64
N SER A 220 41.49 -21.63 28.37
CA SER A 220 42.25 -21.31 29.57
C SER A 220 43.62 -21.96 29.51
N LYS A 221 44.55 -21.39 30.27
CA LYS A 221 45.90 -21.93 30.36
C LYS A 221 46.49 -21.44 31.68
N GLY A 222 47.13 -22.34 32.40
CA GLY A 222 47.77 -21.93 33.64
C GLY A 222 46.77 -21.44 34.67
N ASN A 223 47.09 -20.31 35.28
CA ASN A 223 46.30 -19.71 36.35
C ASN A 223 45.97 -18.28 35.97
N PRO A 224 45.02 -18.09 35.05
CA PRO A 224 44.60 -16.72 34.72
C PRO A 224 43.97 -16.03 35.91
N THR A 225 44.36 -14.78 36.11
CA THR A 225 43.93 -13.99 37.26
C THR A 225 43.73 -12.55 36.80
N GLN A 226 43.48 -11.67 37.77
CA GLN A 226 43.42 -10.25 37.49
C GLN A 226 44.73 -9.74 36.88
N SER A 227 45.85 -10.32 37.28
CA SER A 227 47.12 -9.84 36.75
C SER A 227 47.30 -10.17 35.30
N SER A 228 46.44 -11.01 34.72
CA SER A 228 46.64 -11.46 33.34
C SER A 228 46.28 -10.35 32.36
N ALA A 229 47.03 -9.26 32.45
CA ALA A 229 46.62 -7.98 31.89
C ALA A 229 47.46 -7.52 30.71
N THR A 230 47.91 -8.46 29.88
CA THR A 230 48.50 -8.12 28.59
C THR A 230 47.52 -8.55 27.51
N TYR A 231 46.94 -7.55 26.83
CA TYR A 231 45.77 -7.71 25.97
C TYR A 231 46.11 -7.71 24.49
N ALA A 232 47.39 -7.54 24.13
CA ALA A 232 47.80 -7.42 22.72
C ALA A 232 47.16 -8.48 21.83
N GLU A 233 46.89 -9.68 22.35
CA GLU A 233 46.29 -10.73 21.54
C GLU A 233 44.77 -10.75 21.69
N GLN A 234 44.18 -9.68 22.20
CA GLN A 234 42.75 -9.60 22.48
C GLN A 234 42.30 -10.74 23.40
N ASP A 235 43.15 -11.07 24.37
CA ASP A 235 42.83 -12.00 25.45
C ASP A 235 43.55 -11.53 26.70
N CYS A 236 43.52 -12.36 27.73
CA CYS A 236 44.05 -12.02 29.06
C CYS A 236 45.23 -12.95 29.38
N GLN A 237 46.45 -12.47 29.16
CA GLN A 237 47.66 -13.26 29.40
C GLN A 237 48.46 -12.68 30.57
N ASP A 238 49.00 -13.57 31.40
CA ASP A 238 49.44 -13.24 32.74
C ASP A 238 50.93 -13.03 32.83
N GLY A 239 51.65 -14.12 33.03
CA GLY A 239 53.03 -14.00 33.41
C GLY A 239 53.87 -15.21 33.07
N GLY A 240 54.23 -15.31 31.79
CA GLY A 240 55.30 -16.19 31.37
C GLY A 240 56.09 -15.43 30.33
N ASN A 241 55.77 -15.66 29.07
CA ASN A 241 56.13 -14.75 27.99
C ASN A 241 54.88 -14.56 27.13
N PRO A 242 53.98 -13.66 27.55
CA PRO A 242 52.74 -13.46 26.79
C PRO A 242 53.02 -13.08 25.34
N GLY A 243 52.11 -13.49 24.47
CA GLY A 243 52.26 -13.31 23.05
C GLY A 243 51.23 -14.16 22.32
N PRO A 244 51.40 -14.32 21.00
CA PRO A 244 50.39 -15.02 20.19
C PRO A 244 49.98 -16.39 20.70
N ASN A 245 48.81 -16.84 20.26
CA ASN A 245 48.12 -18.00 20.82
C ASN A 245 48.07 -17.77 22.32
N PHE A 246 48.47 -18.72 23.16
CA PHE A 246 48.45 -18.54 24.60
C PHE A 246 49.88 -18.51 25.11
N GLY A 247 50.59 -17.44 24.74
CA GLY A 247 52.02 -17.37 25.03
C GLY A 247 52.34 -17.32 26.51
N GLY A 248 51.60 -16.52 27.28
CA GLY A 248 51.87 -16.40 28.69
C GLY A 248 51.54 -17.68 29.44
N ALA A 249 52.20 -17.83 30.59
CA ALA A 249 51.96 -19.03 31.39
C ALA A 249 50.50 -19.12 31.81
N ASN A 250 49.83 -17.98 31.98
CA ASN A 250 48.42 -17.97 32.33
C ASN A 250 47.65 -17.11 31.34
N ALA A 251 46.77 -17.75 30.58
CA ALA A 251 45.97 -17.07 29.57
C ALA A 251 44.50 -17.47 29.70
N LEU A 252 43.63 -16.54 29.30
CA LEU A 252 42.19 -16.74 29.28
C LEU A 252 41.61 -15.84 28.21
N GLY A 253 40.65 -16.37 27.46
CA GLY A 253 39.98 -15.56 26.45
C GLY A 253 38.78 -16.30 25.91
N LEU A 254 37.98 -15.59 25.11
CA LEU A 254 36.88 -16.21 24.39
C LEU A 254 36.83 -15.64 22.98
N GLN A 255 36.12 -16.36 22.12
CA GLN A 255 35.87 -15.91 20.76
C GLN A 255 34.47 -16.34 20.35
N VAL A 256 33.74 -15.42 19.74
CA VAL A 256 32.48 -15.72 19.05
C VAL A 256 32.86 -16.13 17.64
N THR A 257 32.63 -17.39 17.30
CA THR A 257 33.17 -17.95 16.07
C THR A 257 32.20 -17.94 14.91
N LYS A 258 30.90 -17.90 15.17
CA LYS A 258 29.92 -17.78 14.12
C LYS A 258 28.64 -17.23 14.72
N LEU A 259 27.88 -16.54 13.88
CA LEU A 259 26.55 -16.04 14.22
C LEU A 259 25.64 -16.25 13.01
N GLY A 260 24.35 -16.27 13.27
CA GLY A 260 23.35 -16.47 12.23
C GLY A 260 22.35 -17.53 12.60
N THR A 261 21.07 -17.22 12.43
CA THR A 261 19.98 -18.14 12.70
C THR A 261 19.59 -18.82 11.40
N LYS A 262 19.42 -20.13 11.47
CA LYS A 262 18.97 -20.89 10.28
C LYS A 262 17.56 -20.46 9.85
N ALA A 263 17.39 -20.20 8.58
CA ALA A 263 16.07 -19.94 8.01
C ALA A 263 15.43 -21.28 7.67
N THR A 264 14.42 -21.67 8.44
CA THR A 264 13.66 -22.87 8.15
C THR A 264 12.29 -22.50 7.56
N THR A 265 11.77 -23.35 6.68
CA THR A 265 10.52 -23.06 5.99
C THR A 265 9.34 -23.78 6.65
N GLU A 266 8.18 -23.11 6.61
CA GLU A 266 6.96 -23.58 7.22
C GLU A 266 5.86 -23.56 6.19
N LYS A 267 4.95 -24.54 6.25
CA LYS A 267 3.81 -24.59 5.36
C LYS A 267 2.56 -24.23 6.13
N THR A 268 1.65 -23.52 5.47
CA THR A 268 0.35 -23.18 6.04
C THR A 268 -0.71 -23.41 4.98
N ASN A 269 -1.80 -24.06 5.39
CA ASN A 269 -2.91 -24.36 4.51
C ASN A 269 -3.84 -23.17 4.36
N LEU A 270 -4.32 -22.95 3.15
CA LEU A 270 -5.30 -21.90 2.91
C LEU A 270 -6.72 -22.33 3.26
N TYR A 271 -7.09 -23.58 2.99
CA TYR A 271 -8.47 -24.04 3.13
C TYR A 271 -8.58 -25.16 4.16
N THR A 272 -9.82 -25.36 4.64
CA THR A 272 -10.17 -26.49 5.48
C THR A 272 -10.36 -27.73 4.61
N ALA A 273 -10.79 -28.84 5.23
CA ALA A 273 -10.91 -30.11 4.53
C ALA A 273 -11.73 -29.98 3.24
N GLY A 274 -12.88 -29.33 3.32
CA GLY A 274 -13.79 -29.22 2.17
C GLY A 274 -13.24 -28.48 0.98
N GLY A 275 -12.21 -27.65 1.16
CA GLY A 275 -11.54 -26.95 0.08
C GLY A 275 -12.13 -25.62 -0.29
N THR A 276 -13.07 -25.12 0.48
CA THR A 276 -13.78 -23.88 0.19
C THR A 276 -13.60 -22.82 1.27
N GLU A 277 -13.67 -23.21 2.54
CA GLU A 277 -13.59 -22.26 3.63
C GLU A 277 -12.14 -21.95 3.99
N CYS A 278 -11.91 -20.72 4.40
CA CYS A 278 -10.57 -20.34 4.85
C CYS A 278 -10.25 -21.04 6.17
N GLU A 279 -9.03 -21.58 6.24
CA GLU A 279 -8.62 -22.37 7.39
C GLU A 279 -8.32 -21.51 8.61
N HIS A 280 -7.67 -20.36 8.43
CA HIS A 280 -7.23 -19.64 9.62
C HIS A 280 -8.04 -18.40 9.91
N GLN A 281 -9.35 -18.56 9.96
CA GLN A 281 -10.22 -17.44 10.25
C GLN A 281 -9.86 -16.85 11.61
N PRO A 282 -9.82 -15.53 11.72
CA PRO A 282 -9.51 -14.92 13.02
C PRO A 282 -10.67 -15.10 13.99
N GLY A 283 -10.38 -14.85 15.26
CA GLY A 283 -11.36 -15.06 16.30
C GLY A 283 -11.31 -16.41 16.99
N ASN A 284 -10.26 -17.20 16.77
CA ASN A 284 -10.10 -18.47 17.47
C ASN A 284 -8.84 -18.47 18.32
N GLY A 285 -8.50 -17.32 18.89
CA GLY A 285 -7.30 -17.19 19.68
C GLY A 285 -6.22 -16.50 18.87
N PRO A 286 -5.04 -16.34 19.47
CA PRO A 286 -3.95 -15.65 18.79
C PRO A 286 -3.37 -16.50 17.67
N GLN A 287 -2.77 -15.83 16.71
CA GLN A 287 -2.33 -16.48 15.51
C GLN A 287 -0.89 -16.12 15.24
N LYS A 288 -0.17 -17.07 14.64
CA LYS A 288 1.15 -16.83 14.10
C LYS A 288 1.03 -15.94 12.86
N THR A 289 2.11 -15.24 12.56
CA THR A 289 2.14 -14.43 11.35
C THR A 289 1.68 -15.19 10.13
N LYS A 290 2.19 -16.41 9.94
CA LYS A 290 1.85 -17.17 8.74
C LYS A 290 0.37 -17.53 8.71
N GLN A 291 -0.26 -17.68 9.87
CA GLN A 291 -1.67 -18.00 9.90
C GLN A 291 -2.51 -16.80 9.49
N ARG A 292 -2.19 -15.61 10.02
CA ARG A 292 -2.79 -14.36 9.54
CA ARG A 292 -2.83 -14.40 9.53
C ARG A 292 -2.64 -14.23 8.02
N LEU A 293 -1.43 -14.48 7.49
CA LEU A 293 -1.19 -14.30 6.07
C LEU A 293 -1.98 -15.30 5.22
N ALA A 294 -2.04 -16.55 5.64
CA ALA A 294 -2.80 -17.55 4.90
C ALA A 294 -4.28 -17.18 4.82
N TYR A 295 -4.84 -16.65 5.92
CA TYR A 295 -6.23 -16.22 5.89
C TYR A 295 -6.46 -15.09 4.89
N LEU A 296 -5.59 -14.07 4.91
CA LEU A 296 -5.72 -12.97 3.97
C LEU A 296 -5.56 -13.45 2.52
N VAL A 297 -4.61 -14.34 2.27
CA VAL A 297 -4.43 -14.84 0.92
C VAL A 297 -5.62 -15.69 0.48
N CYS A 298 -6.16 -16.52 1.39
CA CYS A 298 -7.37 -17.28 1.09
C CYS A 298 -8.51 -16.36 0.70
N GLU A 299 -8.78 -15.34 1.50
CA GLU A 299 -9.92 -14.48 1.19
C GLU A 299 -9.69 -13.67 -0.07
N ALA A 300 -8.46 -13.21 -0.31
CA ALA A 300 -8.14 -12.47 -1.53
C ALA A 300 -8.25 -13.34 -2.76
N ASN A 301 -7.90 -14.62 -2.64
CA ASN A 301 -8.10 -15.55 -3.75
C ASN A 301 -9.60 -15.80 -4.01
N LYS A 302 -10.39 -15.91 -2.94
CA LYS A 302 -11.83 -16.14 -3.08
C LYS A 302 -12.58 -14.92 -3.60
N ALA A 303 -12.02 -13.72 -3.47
CA ALA A 303 -12.71 -12.48 -3.82
C ALA A 303 -12.45 -12.15 -5.29
N ALA A 304 -13.06 -12.95 -6.15
CA ALA A 304 -12.86 -12.77 -7.58
C ALA A 304 -13.58 -11.52 -8.07
N ILE A 305 -12.85 -10.66 -8.81
CA ILE A 305 -13.39 -9.43 -9.36
C ILE A 305 -14.16 -9.75 -10.63
N ILE A 306 -15.31 -9.09 -10.77
CA ILE A 306 -16.16 -9.20 -11.96
C ILE A 306 -15.96 -7.95 -12.78
N THR A 307 -15.22 -8.07 -13.89
CA THR A 307 -14.94 -6.93 -14.77
C THR A 307 -16.12 -6.70 -15.72
N PRO A 308 -16.64 -5.48 -15.83
CA PRO A 308 -17.80 -5.25 -16.69
C PRO A 308 -17.43 -5.32 -18.16
N THR A 309 -18.46 -5.38 -19.00
CA THR A 309 -18.28 -5.29 -20.43
C THR A 309 -17.51 -4.04 -20.81
N ASP A 310 -16.60 -4.17 -21.78
CA ASP A 310 -15.91 -3.00 -22.31
C ASP A 310 -16.85 -2.30 -23.28
N LEU A 311 -17.27 -1.09 -22.92
CA LEU A 311 -18.15 -0.33 -23.79
C LEU A 311 -17.46 0.07 -25.08
N GLN A 312 -16.19 0.48 -25.01
CA GLN A 312 -15.52 1.03 -26.19
C GLN A 312 -15.31 0.01 -27.28
N THR A 313 -15.43 -1.28 -26.97
CA THR A 313 -15.29 -2.34 -27.95
C THR A 313 -16.54 -3.20 -28.02
N LEU A 314 -17.68 -2.65 -27.62
CA LEU A 314 -18.92 -3.38 -27.59
C LEU A 314 -19.26 -3.89 -28.99
N THR A 315 -19.88 -5.07 -29.06
CA THR A 315 -20.40 -5.59 -30.31
C THR A 315 -21.91 -5.58 -30.31
N LEU A 316 -22.47 -5.63 -31.52
CA LEU A 316 -23.92 -5.54 -31.66
C LEU A 316 -24.61 -6.71 -30.98
N ASP A 317 -24.07 -7.91 -31.15
CA ASP A 317 -24.73 -9.07 -30.56
C ASP A 317 -24.55 -9.10 -29.05
N ALA A 318 -23.38 -8.68 -28.55
CA ALA A 318 -23.20 -8.52 -27.11
C ALA A 318 -24.22 -7.55 -26.52
N LEU A 319 -24.49 -6.46 -27.25
CA LEU A 319 -25.41 -5.44 -26.75
C LEU A 319 -26.85 -5.95 -26.75
N ILE A 320 -27.26 -6.60 -27.84
CA ILE A 320 -28.65 -7.02 -27.95
C ILE A 320 -28.95 -8.24 -27.10
N SER A 321 -27.93 -9.00 -26.71
CA SER A 321 -28.06 -10.13 -25.83
C SER A 321 -27.97 -9.76 -24.36
N ALA A 322 -27.50 -8.55 -24.04
CA ALA A 322 -27.45 -8.08 -22.67
C ALA A 322 -28.85 -7.96 -22.08
N PRO A 323 -29.14 -8.57 -20.94
CA PRO A 323 -30.51 -8.51 -20.42
C PRO A 323 -30.92 -7.12 -19.93
N GLU A 324 -29.98 -6.25 -19.60
CA GLU A 324 -30.34 -4.90 -19.20
C GLU A 324 -31.03 -4.14 -20.33
N MET A 325 -30.71 -4.49 -21.58
CA MET A 325 -31.24 -3.79 -22.74
C MET A 325 -32.65 -4.21 -23.09
N ALA A 326 -33.19 -5.24 -22.43
CA ALA A 326 -34.60 -5.56 -22.59
C ALA A 326 -35.48 -4.44 -22.05
N ALA A 327 -35.26 -4.04 -20.80
CA ALA A 327 -36.05 -2.99 -20.19
C ALA A 327 -35.69 -1.62 -20.78
N ILE A 328 -34.42 -1.41 -21.09
CA ILE A 328 -34.02 -0.13 -21.68
C ILE A 328 -34.58 0.01 -23.08
N GLY A 329 -34.56 -1.06 -23.87
CA GLY A 329 -35.15 -1.00 -25.19
C GLY A 329 -36.64 -0.73 -25.14
N ASP A 330 -37.34 -1.34 -24.19
CA ASP A 330 -38.76 -1.08 -24.02
C ASP A 330 -39.03 0.33 -23.56
N ALA A 331 -38.08 0.97 -22.90
CA ALA A 331 -38.26 2.33 -22.44
C ALA A 331 -38.14 3.34 -23.58
N LEU A 332 -37.21 3.13 -24.50
CA LEU A 332 -36.86 4.14 -25.49
C LEU A 332 -37.37 3.84 -26.89
N LEU A 333 -37.49 2.58 -27.26
CA LEU A 333 -37.72 2.21 -28.65
C LEU A 333 -39.15 1.76 -28.93
N THR A 334 -39.95 1.54 -27.89
CA THR A 334 -41.34 1.22 -28.12
C THR A 334 -42.13 2.49 -28.41
N ASP A 335 -43.38 2.31 -28.81
CA ASP A 335 -44.23 3.47 -28.99
C ASP A 335 -45.06 3.74 -27.75
N GLU A 336 -45.75 2.72 -27.23
CA GLU A 336 -46.61 2.85 -26.06
C GLU A 336 -45.84 3.28 -24.82
N THR A 339 -43.88 -1.52 -20.26
CA THR A 339 -45.04 -2.40 -20.21
C THR A 339 -45.31 -2.95 -18.80
N GLU A 340 -44.58 -2.44 -17.81
CA GLU A 340 -44.76 -2.78 -16.40
C GLU A 340 -44.41 -4.24 -16.10
N LYS A 341 -45.27 -5.17 -16.47
CA LYS A 341 -45.02 -6.57 -16.08
C LYS A 341 -43.77 -7.09 -16.79
N GLU A 342 -43.36 -8.28 -16.42
CA GLU A 342 -42.16 -8.85 -17.01
C GLU A 342 -42.44 -9.35 -18.43
N TYR A 343 -41.41 -9.21 -19.28
CA TYR A 343 -41.55 -9.45 -20.70
C TYR A 343 -41.72 -10.93 -21.01
N SER A 344 -42.66 -11.23 -21.90
CA SER A 344 -42.81 -12.59 -22.42
C SER A 344 -41.73 -12.87 -23.45
N SER A 345 -41.70 -14.10 -23.95
CA SER A 345 -40.77 -14.44 -25.02
C SER A 345 -41.03 -13.58 -26.25
N ALA A 346 -42.27 -13.54 -26.73
CA ALA A 346 -42.60 -12.73 -27.90
C ALA A 346 -42.31 -11.26 -27.65
N GLN A 347 -42.40 -10.81 -26.40
CA GLN A 347 -42.14 -9.40 -26.11
C GLN A 347 -40.65 -9.09 -26.15
N HIS A 348 -39.81 -10.01 -25.66
CA HIS A 348 -38.38 -9.76 -25.77
C HIS A 348 -37.93 -9.75 -27.22
N THR A 349 -38.37 -10.73 -28.01
CA THR A 349 -37.99 -10.77 -29.42
C THR A 349 -38.48 -9.53 -30.17
N GLN A 350 -39.61 -8.97 -29.75
CA GLN A 350 -40.01 -7.67 -30.26
C GLN A 350 -38.98 -6.62 -29.89
N ILE A 351 -38.58 -6.58 -28.61
CA ILE A 351 -37.60 -5.59 -28.14
C ILE A 351 -36.29 -5.75 -28.88
N GLN A 352 -35.90 -6.99 -29.17
CA GLN A 352 -34.65 -7.22 -29.88
C GLN A 352 -34.69 -6.68 -31.30
N GLN A 353 -35.80 -6.87 -31.99
CA GLN A 353 -35.88 -6.34 -33.34
C GLN A 353 -35.92 -4.82 -33.34
N LEU A 354 -36.55 -4.22 -32.32
CA LEU A 354 -36.44 -2.78 -32.15
C LEU A 354 -34.99 -2.38 -31.92
N LEU A 355 -34.27 -3.19 -31.14
CA LEU A 355 -32.86 -2.92 -30.87
C LEU A 355 -32.02 -3.00 -32.14
N LYS A 356 -32.32 -3.96 -33.01
CA LYS A 356 -31.60 -4.04 -34.28
C LYS A 356 -31.94 -2.87 -35.17
N LYS A 357 -33.17 -2.36 -35.10
CA LYS A 357 -33.50 -1.20 -35.89
C LYS A 357 -32.72 0.02 -35.41
N ALA A 358 -32.69 0.23 -34.09
CA ALA A 358 -32.03 1.41 -33.55
C ALA A 358 -30.53 1.36 -33.81
N TYR A 359 -29.91 0.19 -33.65
CA TYR A 359 -28.47 0.04 -33.64
C TYR A 359 -27.92 -0.59 -34.91
N GLY A 360 -28.76 -0.84 -35.90
CA GLY A 360 -28.29 -1.45 -37.12
C GLY A 360 -28.52 -2.94 -37.13
N GLN A 361 -28.53 -3.51 -38.32
CA GLN A 361 -28.84 -4.92 -38.45
C GLN A 361 -27.58 -5.78 -38.45
N THR A 362 -26.41 -5.18 -38.68
CA THR A 362 -25.14 -5.91 -38.63
C THR A 362 -24.16 -5.16 -37.75
N ASN A 363 -23.22 -5.92 -37.19
CA ASN A 363 -22.20 -5.32 -36.32
C ASN A 363 -21.48 -4.19 -37.04
N GLU A 364 -21.19 -4.38 -38.33
CA GLU A 364 -20.45 -3.36 -39.08
C GLU A 364 -21.19 -2.04 -39.07
N GLN A 365 -22.50 -2.13 -39.16
CA GLN A 365 -23.28 -0.88 -39.05
C GLN A 365 -23.16 -0.39 -37.60
N PHE A 366 -23.26 -1.29 -36.62
CA PHE A 366 -23.17 -0.88 -35.23
C PHE A 366 -21.83 -0.24 -34.96
N GLN A 367 -20.74 -0.88 -35.39
CA GLN A 367 -19.41 -0.30 -35.20
C GLN A 367 -19.32 1.07 -35.86
N LYS A 368 -19.92 1.21 -37.05
CA LYS A 368 -19.77 2.42 -37.85
C LYS A 368 -20.46 3.62 -37.21
N ASN A 369 -21.65 3.41 -36.63
CA ASN A 369 -22.47 4.52 -36.21
C ASN A 369 -22.40 4.81 -34.72
N PHE A 370 -21.86 3.90 -33.93
CA PHE A 370 -21.81 4.08 -32.48
C PHE A 370 -20.43 3.86 -31.86
N ILE A 371 -19.55 3.09 -32.50
CA ILE A 371 -18.23 2.76 -31.95
C ILE A 371 -17.13 3.56 -32.63
N LYS A 372 -17.01 3.44 -33.95
CA LYS A 372 -16.03 4.24 -34.69
C LYS A 372 -16.14 5.74 -34.48
N PRO A 373 -17.33 6.36 -34.32
CA PRO A 373 -17.36 7.81 -34.04
C PRO A 373 -16.60 8.24 -32.80
N LEU A 374 -16.24 7.32 -31.89
CA LEU A 374 -15.55 7.71 -30.67
C LEU A 374 -14.13 8.18 -30.98
N ALA A 375 -13.43 7.47 -31.85
CA ALA A 375 -12.07 7.85 -32.18
C ALA A 375 -11.96 8.60 -33.49
N ALA A 376 -12.96 8.47 -34.35
CA ALA A 376 -12.85 8.96 -35.72
C ALA A 376 -13.63 10.25 -35.98
N GLN A 377 -14.69 10.51 -35.23
CA GLN A 377 -15.52 11.68 -35.48
C GLN A 377 -14.88 12.93 -34.90
N THR A 378 -14.83 13.99 -35.71
CA THR A 378 -14.19 15.24 -35.33
C THR A 378 -15.24 16.27 -34.90
N VAL A 379 -14.95 16.95 -33.80
CA VAL A 379 -15.79 18.01 -33.24
C VAL A 379 -14.95 19.26 -33.14
N LYS A 380 -15.51 20.39 -33.56
CA LYS A 380 -14.80 21.66 -33.51
C LYS A 380 -15.79 22.77 -33.19
N PHE A 381 -15.40 23.69 -32.32
CA PHE A 381 -16.23 24.85 -32.01
C PHE A 381 -15.40 25.93 -31.31
N LYS A 382 -16.06 27.02 -30.93
CA LYS A 382 -15.41 28.23 -30.46
C LYS A 382 -16.46 29.06 -29.75
N ILE A 383 -16.25 29.35 -28.48
CA ILE A 383 -17.30 30.07 -27.78
C ILE A 383 -16.95 31.26 -27.03
N GLY A 384 -16.12 31.15 -26.01
CA GLY A 384 -15.89 32.35 -25.25
C GLY A 384 -14.47 32.73 -25.49
N GLY A 385 -14.08 32.74 -26.76
CA GLY A 385 -12.74 33.03 -27.15
C GLY A 385 -11.87 31.80 -26.96
N ALA A 386 -12.47 30.61 -26.93
CA ALA A 386 -11.76 29.34 -26.75
C ALA A 386 -11.92 28.20 -27.77
N GLU A 387 -11.10 28.18 -28.82
CA GLU A 387 -11.08 27.18 -29.89
C GLU A 387 -10.86 25.71 -29.53
N VAL A 388 -11.84 24.86 -29.84
CA VAL A 388 -11.84 23.44 -29.52
C VAL A 388 -11.88 22.66 -30.83
N SER A 389 -10.94 21.73 -31.01
CA SER A 389 -10.86 20.90 -32.20
C SER A 389 -10.26 19.57 -31.78
N ASN A 390 -11.12 18.63 -31.42
CA ASN A 390 -10.74 17.32 -30.95
C ASN A 390 -11.68 16.30 -31.56
N THR A 391 -11.41 15.03 -31.34
CA THR A 391 -12.38 13.99 -31.64
C THR A 391 -13.10 13.60 -30.36
N VAL A 392 -14.19 12.84 -30.51
CA VAL A 392 -15.24 12.75 -29.49
C VAL A 392 -14.70 12.21 -28.18
N ALA A 393 -14.04 11.05 -28.21
CA ALA A 393 -13.60 10.43 -26.97
C ALA A 393 -12.50 11.25 -26.31
N ALA A 394 -11.56 11.77 -27.11
CA ALA A 394 -10.47 12.57 -26.56
C ALA A 394 -10.98 13.87 -25.97
N LEU A 395 -11.93 14.51 -26.65
CA LEU A 395 -12.49 15.76 -26.16
C LEU A 395 -13.28 15.55 -24.87
N MET A 396 -14.10 14.50 -24.80
CA MET A 396 -14.93 14.30 -23.62
C MET A 396 -14.12 13.85 -22.40
N SER A 397 -12.83 13.51 -22.58
CA SER A 397 -11.90 13.27 -21.50
C SER A 397 -10.83 14.35 -21.42
N SER A 398 -11.20 15.58 -21.73
CA SER A 398 -10.26 16.70 -21.80
C SER A 398 -10.80 17.85 -20.97
N PRO A 399 -10.01 18.90 -20.77
CA PRO A 399 -10.52 20.06 -20.02
C PRO A 399 -11.74 20.72 -20.66
N ASN A 400 -11.92 20.63 -21.98
CA ASN A 400 -13.03 21.27 -22.67
C ASN A 400 -14.28 20.40 -22.68
N SER A 401 -14.27 19.27 -22.00
CA SER A 401 -15.34 18.28 -22.15
C SER A 401 -16.71 18.90 -21.86
N GLY A 402 -16.89 19.44 -20.65
CA GLY A 402 -18.20 19.96 -20.30
C GLY A 402 -18.59 21.19 -21.07
N LEU A 403 -17.62 21.88 -21.65
CA LEU A 403 -17.93 23.05 -22.46
C LEU A 403 -18.50 22.65 -23.82
N ALA A 404 -17.96 21.57 -24.39
CA ALA A 404 -18.51 21.02 -25.63
C ALA A 404 -19.92 20.46 -25.44
N LEU A 405 -20.21 19.91 -24.26
CA LEU A 405 -21.56 19.41 -24.03
C LEU A 405 -22.56 20.56 -23.93
N ALA A 406 -22.18 21.64 -23.25
CA ALA A 406 -23.05 22.80 -23.16
C ALA A 406 -23.25 23.45 -24.52
N TYR A 407 -22.17 23.55 -25.32
CA TYR A 407 -22.28 24.18 -26.63
C TYR A 407 -23.29 23.49 -27.51
N HIS A 408 -23.22 22.17 -27.60
CA HIS A 408 -24.07 21.45 -28.55
C HIS A 408 -25.48 21.25 -27.99
N LYS A 409 -25.63 21.09 -26.68
CA LYS A 409 -26.99 21.09 -26.15
C LYS A 409 -27.63 22.46 -26.31
N GLY A 410 -26.83 23.51 -26.52
CA GLY A 410 -27.35 24.85 -26.75
C GLY A 410 -27.88 25.11 -28.15
N LYS A 411 -27.52 24.31 -29.14
CA LYS A 411 -28.07 24.44 -30.49
C LYS A 411 -29.16 23.40 -30.73
N ALA B 30 9.37 25.60 16.18
CA ALA B 30 8.27 26.22 15.47
C ALA B 30 8.02 25.52 14.13
N LYS B 31 9.11 25.19 13.43
CA LYS B 31 9.04 24.24 12.33
C LYS B 31 9.60 22.90 12.81
N ASP B 32 9.18 21.84 12.14
CA ASP B 32 9.69 20.49 12.36
C ASP B 32 9.30 19.94 13.72
N THR B 33 8.13 20.32 14.21
CA THR B 33 7.62 19.80 15.48
C THR B 33 7.58 18.28 15.50
N ALA B 34 7.08 17.67 14.42
CA ALA B 34 6.90 16.23 14.41
C ALA B 34 8.23 15.50 14.25
N ALA B 35 9.05 15.91 13.27
CA ALA B 35 10.37 15.31 13.09
C ALA B 35 11.26 15.53 14.30
N GLY B 36 11.13 16.69 14.96
CA GLY B 36 11.93 16.98 16.14
C GLY B 36 11.58 16.16 17.36
N HIS B 37 10.41 15.55 17.40
CA HIS B 37 10.02 14.64 18.47
C HIS B 37 10.48 13.20 18.23
N VAL B 38 11.05 12.89 17.06
CA VAL B 38 11.53 11.55 16.77
C VAL B 38 12.86 11.35 17.53
N THR B 39 12.85 10.50 18.56
CA THR B 39 14.03 10.22 19.36
C THR B 39 14.35 8.75 19.52
N THR B 40 13.51 7.84 19.03
CA THR B 40 13.63 6.42 19.28
C THR B 40 13.15 5.68 18.05
N PRO B 41 13.49 4.40 17.90
CA PRO B 41 12.91 3.65 16.77
C PRO B 41 11.39 3.73 16.72
N CYS B 42 10.72 3.67 17.87
CA CYS B 42 9.27 3.66 17.85
C CYS B 42 8.69 5.01 17.45
N THR B 43 9.33 6.12 17.82
CA THR B 43 8.79 7.39 17.37
C THR B 43 9.12 7.68 15.90
N GLU B 44 10.21 7.11 15.35
CA GLU B 44 10.39 7.21 13.89
C GLU B 44 9.35 6.41 13.15
N ILE B 45 9.07 5.19 13.61
CA ILE B 45 7.97 4.39 13.09
C ILE B 45 6.67 5.20 13.11
N LEU B 46 6.35 5.82 14.24
CA LEU B 46 5.12 6.63 14.30
C LEU B 46 5.15 7.75 13.27
N PHE B 47 6.28 8.44 13.15
CA PHE B 47 6.39 9.50 12.17
C PHE B 47 6.22 8.98 10.75
N ASP B 48 6.89 7.88 10.44
CA ASP B 48 6.83 7.33 9.09
C ASP B 48 5.41 6.93 8.72
N LEU B 49 4.72 6.20 9.61
CA LEU B 49 3.36 5.77 9.33
C LEU B 49 2.39 6.95 9.30
N THR B 50 2.54 7.90 10.23
CA THR B 50 1.65 9.06 10.26
C THR B 50 1.76 9.91 8.99
N LEU B 51 2.97 10.16 8.50
CA LEU B 51 3.13 10.90 7.26
C LEU B 51 2.63 10.11 6.05
N ALA B 52 2.87 8.79 6.02
CA ALA B 52 2.34 7.97 4.93
C ALA B 52 0.81 8.04 4.88
N LYS B 53 0.15 7.92 6.03
CA LYS B 53 -1.30 8.03 6.09
C LYS B 53 -1.78 9.44 5.71
N HIS B 54 -1.01 10.46 6.05
CA HIS B 54 -1.31 11.81 5.61
C HIS B 54 -1.37 11.89 4.10
N TYR B 55 -0.34 11.37 3.41
CA TYR B 55 -0.38 11.39 1.95
C TYR B 55 -1.54 10.56 1.42
N GLU B 56 -1.78 9.40 2.03
CA GLU B 56 -2.84 8.52 1.59
C GLU B 56 -4.20 9.14 1.78
N ASN B 57 -4.40 9.84 2.91
CA ASN B 57 -5.65 10.52 3.16
C ASN B 57 -5.84 11.76 2.30
N GLN B 58 -4.76 12.41 1.87
CA GLN B 58 -4.89 13.48 0.89
C GLN B 58 -5.44 12.96 -0.43
N ILE B 59 -4.94 11.82 -0.92
CA ILE B 59 -5.47 11.21 -2.13
C ILE B 59 -6.90 10.74 -1.91
N GLN B 60 -7.18 10.12 -0.76
CA GLN B 60 -8.53 9.65 -0.53
C GLN B 60 -9.51 10.80 -0.44
N ALA B 61 -9.09 11.95 0.08
CA ALA B 61 -9.97 13.10 0.12
C ALA B 61 -10.30 13.61 -1.28
N ALA B 62 -9.31 13.64 -2.16
CA ALA B 62 -9.55 14.09 -3.53
C ALA B 62 -10.41 13.10 -4.29
N GLU B 63 -10.12 11.81 -4.15
CA GLU B 63 -10.89 10.82 -4.88
C GLU B 63 -12.30 10.68 -4.33
N SER B 64 -12.49 10.93 -3.04
CA SER B 64 -13.84 10.96 -2.50
CA SER B 64 -13.85 10.96 -2.48
C SER B 64 -14.63 12.13 -3.05
N ALA B 65 -13.97 13.28 -3.29
CA ALA B 65 -14.64 14.40 -3.93
C ALA B 65 -15.01 14.10 -5.36
N LEU B 66 -14.12 13.41 -6.10
CA LEU B 66 -14.43 13.04 -7.47
C LEU B 66 -15.62 12.09 -7.51
N ASN B 67 -15.70 11.16 -6.55
CA ASN B 67 -16.81 10.22 -6.53
C ASN B 67 -18.13 10.92 -6.28
N ARG B 68 -18.16 11.84 -5.32
CA ARG B 68 -19.38 12.60 -5.01
C ARG B 68 -19.79 13.50 -6.17
N ASN B 69 -18.82 14.05 -6.88
CA ASN B 69 -19.12 14.87 -8.05
C ASN B 69 -19.77 14.03 -9.14
N TYR B 70 -19.16 12.90 -9.51
CA TYR B 70 -19.74 12.07 -10.57
C TYR B 70 -21.12 11.57 -10.18
N ALA B 71 -21.34 11.29 -8.90
CA ALA B 71 -22.67 10.90 -8.43
C ALA B 71 -23.66 12.07 -8.49
N ALA B 72 -23.18 13.30 -8.27
CA ALA B 72 -24.03 14.48 -8.48
C ALA B 72 -24.39 14.63 -9.95
N ILE B 73 -23.43 14.44 -10.84
CA ILE B 73 -23.68 14.57 -12.27
C ILE B 73 -24.70 13.52 -12.73
N ARG B 74 -24.64 12.31 -12.20
CA ARG B 74 -25.65 11.30 -12.54
C ARG B 74 -27.02 11.70 -12.00
N SER B 75 -27.05 12.29 -10.82
CA SER B 75 -28.30 12.77 -10.24
C SER B 75 -28.93 13.85 -11.11
N TRP B 76 -28.13 14.85 -11.50
CA TRP B 76 -28.66 15.92 -12.34
C TRP B 76 -29.00 15.42 -13.74
N THR B 77 -28.30 14.39 -14.22
CA THR B 77 -28.68 13.77 -15.49
C THR B 77 -30.10 13.21 -15.43
N LEU B 78 -30.47 12.57 -14.32
CA LEU B 78 -31.83 12.10 -14.17
C LEU B 78 -32.79 13.28 -14.00
N LEU B 79 -32.41 14.27 -13.19
CA LEU B 79 -33.30 15.41 -12.98
C LEU B 79 -33.57 16.15 -14.28
N GLU B 80 -32.58 16.23 -15.17
CA GLU B 80 -32.78 16.84 -16.48
C GLU B 80 -33.79 16.04 -17.31
N ALA B 81 -33.67 14.72 -17.31
CA ALA B 81 -34.55 13.93 -18.18
C ALA B 81 -35.99 13.97 -17.69
N MET B 82 -36.20 14.16 -16.40
CA MET B 82 -37.56 14.29 -15.86
C MET B 82 -38.11 15.69 -15.98
N SER B 83 -37.37 16.61 -16.60
CA SER B 83 -37.78 18.02 -16.63
C SER B 83 -38.58 18.28 -17.90
N SER B 84 -39.79 18.84 -17.72
CA SER B 84 -40.62 19.27 -18.82
C SER B 84 -40.33 20.70 -19.26
N ASP B 85 -39.97 21.57 -18.32
CA ASP B 85 -39.65 22.96 -18.62
C ASP B 85 -38.33 23.01 -19.37
N GLY B 86 -38.33 23.54 -20.59
CA GLY B 86 -37.10 23.66 -21.35
C GLY B 86 -36.06 24.51 -20.65
N ASN B 87 -36.49 25.55 -19.93
CA ASN B 87 -35.54 26.41 -19.23
C ASN B 87 -34.96 25.72 -18.00
N ARG B 88 -35.79 24.96 -17.27
CA ARG B 88 -35.30 24.19 -16.14
C ARG B 88 -34.42 23.04 -16.61
N GLN B 89 -34.76 22.44 -17.75
CA GLN B 89 -33.91 21.45 -18.38
C GLN B 89 -32.54 22.04 -18.73
N ASN B 90 -32.52 23.26 -19.26
CA ASN B 90 -31.27 23.92 -19.60
C ASN B 90 -30.41 24.11 -18.36
N ALA B 91 -31.06 24.43 -17.23
CA ALA B 91 -30.33 24.66 -15.99
C ALA B 91 -29.60 23.40 -15.54
N TYR B 92 -30.30 22.26 -15.55
CA TYR B 92 -29.67 21.01 -15.17
C TYR B 92 -28.52 20.65 -16.10
N THR B 93 -28.66 20.96 -17.40
CA THR B 93 -27.60 20.64 -18.34
C THR B 93 -26.38 21.54 -18.12
N GLY B 94 -26.59 22.73 -17.59
CA GLY B 94 -25.45 23.56 -17.21
C GLY B 94 -24.69 23.00 -16.03
N LEU B 95 -25.40 22.46 -15.04
CA LEU B 95 -24.77 21.80 -13.91
C LEU B 95 -24.07 20.51 -14.33
N ILE B 96 -24.68 19.75 -15.24
CA ILE B 96 -24.04 18.56 -15.77
C ILE B 96 -22.73 18.93 -16.47
N ALA B 97 -22.80 19.94 -17.35
CA ALA B 97 -21.63 20.36 -18.12
C ALA B 97 -20.53 20.94 -17.23
N TYR B 98 -20.89 21.81 -16.27
CA TYR B 98 -19.89 22.34 -15.35
C TYR B 98 -19.25 21.24 -14.51
N GLY B 99 -20.07 20.33 -13.97
CA GLY B 99 -19.53 19.25 -13.15
C GLY B 99 -18.59 18.36 -13.92
N ILE B 100 -19.02 17.89 -15.10
CA ILE B 100 -18.16 17.05 -15.91
C ILE B 100 -16.85 17.76 -16.21
N GLN B 101 -16.91 19.04 -16.57
CA GLN B 101 -15.69 19.78 -16.88
C GLN B 101 -14.74 19.82 -15.68
N ILE B 102 -15.24 20.21 -14.51
CA ILE B 102 -14.35 20.39 -13.37
C ILE B 102 -13.90 19.05 -12.79
N THR B 103 -14.74 18.02 -12.86
CA THR B 103 -14.39 16.74 -12.23
C THR B 103 -13.43 15.95 -13.13
N VAL B 104 -13.70 15.91 -14.43
CA VAL B 104 -12.79 15.26 -15.38
C VAL B 104 -11.43 15.94 -15.33
N ASN B 105 -11.41 17.26 -15.15
CA ASN B 105 -10.14 17.96 -15.08
C ASN B 105 -9.38 17.63 -13.79
N ALA B 106 -10.06 17.71 -12.65
CA ALA B 106 -9.42 17.40 -11.37
C ALA B 106 -8.96 15.95 -11.30
N GLU B 107 -9.72 15.02 -11.88
CA GLU B 107 -9.27 13.63 -11.92
C GLU B 107 -7.98 13.50 -12.69
N GLN B 108 -7.87 14.15 -13.84
CA GLN B 108 -6.66 14.06 -14.65
CA GLN B 108 -6.65 14.02 -14.61
C GLN B 108 -5.50 14.77 -13.96
N GLU B 109 -5.77 15.89 -13.30
CA GLU B 109 -4.71 16.62 -12.62
CA GLU B 109 -4.70 16.61 -12.63
C GLU B 109 -4.20 15.85 -11.41
N LEU B 110 -5.04 15.01 -10.80
CA LEU B 110 -4.68 14.30 -9.57
C LEU B 110 -3.62 13.23 -9.79
N GLN B 111 -3.51 12.71 -11.00
CA GLN B 111 -2.78 11.46 -11.20
C GLN B 111 -1.29 11.61 -10.93
N GLY B 112 -0.70 12.73 -11.34
CA GLY B 112 0.69 13.00 -11.08
C GLY B 112 1.04 13.12 -9.60
N PRO B 113 0.41 14.06 -8.91
CA PRO B 113 0.62 14.16 -7.46
C PRO B 113 0.29 12.89 -6.68
N LYS B 114 -0.76 12.17 -7.08
CA LYS B 114 -1.09 10.89 -6.46
C LYS B 114 0.09 9.93 -6.55
N GLN B 115 0.67 9.79 -7.73
CA GLN B 115 1.78 8.86 -7.85
C GLN B 115 3.00 9.33 -7.08
N THR B 116 3.26 10.64 -7.03
CA THR B 116 4.39 11.14 -6.25
C THR B 116 4.19 10.91 -4.75
N LYS B 117 2.97 11.15 -4.25
CA LYS B 117 2.68 10.92 -2.84
C LYS B 117 2.64 9.44 -2.50
N LEU B 118 2.20 8.60 -3.43
CA LEU B 118 2.20 7.16 -3.15
C LEU B 118 3.61 6.59 -3.12
N ARG B 119 4.48 7.07 -4.01
CA ARG B 119 5.89 6.71 -3.94
C ARG B 119 6.45 6.94 -2.55
N ALA B 120 6.16 8.11 -1.96
CA ALA B 120 6.63 8.42 -0.62
C ALA B 120 5.97 7.54 0.43
N ALA B 121 4.64 7.38 0.35
CA ALA B 121 3.95 6.63 1.39
C ALA B 121 4.43 5.20 1.41
N HIS B 122 4.62 4.59 0.24
CA HIS B 122 5.09 3.21 0.17
C HIS B 122 6.44 3.07 0.85
N ALA B 123 7.38 3.96 0.51
CA ALA B 123 8.73 3.90 1.06
C ALA B 123 8.73 4.13 2.55
N LEU B 124 7.87 5.03 3.03
CA LEU B 124 7.79 5.33 4.46
C LEU B 124 7.22 4.14 5.23
N ARG B 125 6.23 3.46 4.68
CA ARG B 125 5.70 2.27 5.31
C ARG B 125 6.72 1.14 5.24
N HIS B 126 7.52 1.11 4.19
CA HIS B 126 8.56 0.10 4.05
C HIS B 126 9.67 0.32 5.08
N ARG B 127 10.11 1.55 5.25
CA ARG B 127 11.06 1.89 6.29
C ARG B 127 10.53 1.55 7.67
N ALA B 128 9.26 1.83 7.93
CA ALA B 128 8.71 1.59 9.26
C ALA B 128 8.65 0.09 9.55
N ALA B 129 8.31 -0.70 8.54
CA ALA B 129 8.33 -2.16 8.70
C ALA B 129 9.76 -2.66 8.99
N ASN B 130 10.73 -2.18 8.21
CA ASN B 130 12.15 -2.45 8.44
C ASN B 130 12.57 -2.15 9.86
N LEU B 131 12.23 -0.94 10.33
CA LEU B 131 12.63 -0.53 11.67
CA LEU B 131 12.62 -0.52 11.67
C LEU B 131 11.93 -1.37 12.73
N SER B 132 10.68 -1.76 12.50
CA SER B 132 9.96 -2.61 13.46
CA SER B 132 9.96 -2.61 13.46
C SER B 132 10.60 -3.99 13.58
N ALA B 133 11.07 -4.55 12.47
CA ALA B 133 11.68 -5.86 12.49
C ALA B 133 13.06 -5.81 13.17
N ALA B 134 13.83 -4.75 12.90
CA ALA B 134 15.09 -4.55 13.61
C ALA B 134 14.86 -4.39 15.11
N LEU B 135 13.85 -3.61 15.50
CA LEU B 135 13.57 -3.42 16.92
C LEU B 135 13.29 -4.75 17.62
N GLN B 136 12.60 -5.67 16.96
CA GLN B 136 12.35 -6.96 17.60
C GLN B 136 13.65 -7.68 17.90
N ILE B 137 14.63 -7.57 16.99
CA ILE B 137 15.90 -8.26 17.14
C ILE B 137 16.80 -7.54 18.11
N GLN B 138 16.83 -6.20 18.07
CA GLN B 138 17.67 -5.43 18.99
C GLN B 138 17.15 -5.44 20.41
N ALA B 139 15.91 -5.89 20.63
CA ALA B 139 15.38 -6.06 21.96
C ALA B 139 15.82 -7.37 22.61
N ALA B 140 16.40 -8.30 21.86
CA ALA B 140 16.95 -9.52 22.42
C ALA B 140 18.20 -9.17 23.21
N GLN B 141 18.10 -9.10 24.53
CA GLN B 141 19.18 -8.60 25.38
C GLN B 141 19.79 -9.65 26.30
N GLN B 142 19.18 -10.82 26.40
CA GLN B 142 19.69 -11.88 27.27
C GLN B 142 19.80 -13.17 26.48
N ALA B 143 20.90 -13.89 26.70
CA ALA B 143 21.20 -15.13 26.00
C ALA B 143 20.79 -16.35 26.82
N THR B 144 20.44 -17.41 26.11
CA THR B 144 20.31 -18.75 26.67
C THR B 144 21.49 -19.58 26.19
N LEU B 145 22.28 -20.08 27.14
CA LEU B 145 23.42 -20.91 26.82
C LEU B 145 22.98 -22.32 26.47
N THR B 146 23.73 -22.95 25.56
CA THR B 146 23.63 -24.38 25.36
C THR B 146 24.56 -25.13 26.34
N LYS B 147 24.44 -26.46 26.33
CA LYS B 147 25.34 -27.30 27.09
C LYS B 147 26.67 -27.42 26.34
N PRO B 148 27.80 -27.07 26.95
CA PRO B 148 29.06 -26.98 26.22
C PRO B 148 29.74 -28.34 26.10
N THR B 149 30.90 -28.32 25.43
CA THR B 149 31.74 -29.48 25.23
C THR B 149 33.15 -29.11 25.66
N ALA B 150 33.67 -29.82 26.67
CA ALA B 150 35.00 -29.54 27.20
C ALA B 150 36.06 -30.09 26.26
N GLY B 151 37.06 -29.27 25.92
CA GLY B 151 38.15 -29.69 25.08
C GLY B 151 39.50 -29.29 25.65
N GLY B 152 40.53 -29.62 24.90
CA GLY B 152 41.86 -29.16 25.22
C GLY B 152 42.21 -28.05 24.26
N ALA B 153 43.38 -28.09 23.63
CA ALA B 153 43.73 -27.11 22.62
C ALA B 153 42.98 -27.43 21.34
N GLN B 154 42.17 -26.48 20.88
CA GLN B 154 41.49 -26.55 19.60
C GLN B 154 41.34 -25.13 19.09
N THR B 155 41.24 -24.98 17.78
CA THR B 155 41.09 -23.64 17.22
C THR B 155 39.86 -22.96 17.84
N PRO B 156 39.92 -21.64 18.09
CA PRO B 156 41.03 -20.73 17.83
C PRO B 156 41.96 -20.56 19.02
N PHE B 157 42.09 -21.60 19.85
CA PHE B 157 42.89 -21.55 21.07
C PHE B 157 43.86 -22.74 21.07
N SER B 158 44.91 -22.63 20.24
CA SER B 158 45.88 -23.71 20.11
C SER B 158 46.88 -23.75 21.25
N GLY B 159 46.79 -22.85 22.22
CA GLY B 159 47.69 -22.91 23.36
C GLY B 159 46.98 -23.23 24.66
N ALA B 160 45.68 -23.47 24.60
CA ALA B 160 44.91 -23.66 25.83
C ALA B 160 45.16 -25.03 26.41
N THR B 161 45.06 -25.11 27.74
CA THR B 161 44.99 -26.39 28.44
C THR B 161 43.56 -26.90 28.54
N GLY B 162 42.61 -25.97 28.59
CA GLY B 162 41.22 -26.35 28.49
C GLY B 162 40.47 -25.38 27.62
N THR B 163 39.50 -25.90 26.88
CA THR B 163 38.55 -25.09 26.14
C THR B 163 37.16 -25.60 26.47
N CYS B 164 36.20 -24.69 26.42
CA CYS B 164 34.79 -24.94 26.71
C CYS B 164 33.99 -24.35 25.57
N LYS B 165 33.48 -25.21 24.69
CA LYS B 165 32.93 -24.81 23.40
C LYS B 165 31.41 -24.89 23.41
N TYR B 166 30.77 -23.81 22.94
CA TYR B 166 29.33 -23.66 22.94
C TYR B 166 28.82 -23.49 21.51
N GLU B 167 27.73 -24.18 21.19
CA GLU B 167 27.14 -24.06 19.86
C GLU B 167 25.68 -23.71 19.98
N GLY B 168 25.26 -22.69 19.25
CA GLY B 168 23.86 -22.37 19.22
C GLY B 168 23.35 -21.66 20.45
N ILE B 169 24.18 -20.85 21.11
CA ILE B 169 23.67 -19.88 22.07
C ILE B 169 22.70 -18.97 21.33
N THR B 170 21.55 -18.68 21.95
CA THR B 170 20.50 -17.86 21.33
C THR B 170 20.06 -16.73 22.26
N ALA B 171 19.60 -15.66 21.65
CA ALA B 171 19.06 -14.51 22.37
C ALA B 171 17.75 -14.14 21.68
N THR B 172 16.68 -14.07 22.47
CA THR B 172 15.34 -13.78 21.98
C THR B 172 14.62 -12.90 22.98
N ALA B 173 13.89 -11.93 22.47
CA ALA B 173 13.00 -11.12 23.28
C ALA B 173 11.57 -11.61 23.14
N GLY B 174 10.76 -11.27 24.13
CA GLY B 174 9.33 -11.34 23.95
C GLY B 174 8.88 -10.39 22.87
N GLU B 175 7.64 -10.60 22.44
CA GLU B 175 7.03 -9.80 21.38
C GLU B 175 7.08 -8.32 21.75
N GLN B 176 7.70 -7.54 20.87
CA GLN B 176 7.90 -6.13 21.09
C GLN B 176 6.76 -5.33 20.49
N SER B 177 6.34 -4.28 21.21
CA SER B 177 5.37 -3.33 20.72
C SER B 177 5.94 -1.94 20.91
N CYS B 178 5.38 -1.00 20.20
CA CYS B 178 5.66 0.41 20.44
C CYS B 178 4.59 0.98 21.35
N LYS B 179 4.99 1.53 22.47
CA LYS B 179 4.07 2.19 23.39
C LYS B 179 4.24 3.70 23.28
N TYR B 180 3.14 4.38 22.97
CA TYR B 180 3.17 5.81 22.70
C TYR B 180 2.45 6.58 23.80
N SER B 181 2.90 7.81 24.04
CA SER B 181 2.21 8.72 24.90
C SER B 181 1.24 9.58 24.10
N THR B 182 0.32 10.21 24.81
CA THR B 182 -0.52 11.22 24.19
CA THR B 182 -0.52 11.18 24.14
C THR B 182 0.32 12.33 23.59
N GLU B 183 1.45 12.64 24.21
CA GLU B 183 2.33 13.68 23.71
C GLU B 183 2.97 13.26 22.38
N ASP B 184 3.32 11.99 22.24
CA ASP B 184 3.81 11.45 20.97
C ASP B 184 2.79 11.65 19.86
N GLU B 185 1.55 11.22 20.10
CA GLU B 185 0.51 11.30 19.09
C GLU B 185 0.11 12.75 18.78
N GLU B 186 0.28 13.66 19.73
CA GLU B 186 -0.05 15.07 19.46
C GLU B 186 1.06 15.76 18.66
N LYS B 187 2.33 15.45 18.95
CA LYS B 187 3.45 16.09 18.26
C LYS B 187 3.72 15.44 16.91
N ILE B 188 3.62 14.12 16.83
CA ILE B 188 3.80 13.39 15.58
C ILE B 188 2.41 13.13 15.03
N ASN B 189 1.90 14.10 14.25
CA ASN B 189 0.51 14.21 13.90
C ASN B 189 0.42 14.92 12.56
N ALA B 190 -0.55 14.47 11.73
CA ALA B 190 -0.79 15.07 10.42
C ALA B 190 -1.02 16.57 10.50
N ALA B 191 -1.53 17.06 11.64
CA ALA B 191 -1.73 18.50 11.81
C ALA B 191 -0.43 19.25 11.87
N HIS B 192 0.69 18.55 12.15
CA HIS B 192 2.04 19.09 12.10
C HIS B 192 2.81 18.68 10.86
N MET B 193 2.12 18.30 9.79
CA MET B 193 2.78 17.78 8.61
C MET B 193 2.31 18.50 7.37
N ASN B 194 2.06 19.79 7.48
CA ASN B 194 1.85 20.60 6.29
C ASN B 194 3.20 20.86 5.63
N PRO B 195 3.21 21.02 4.31
CA PRO B 195 4.47 21.24 3.60
C PRO B 195 5.27 22.42 4.12
N GLU B 196 4.62 23.47 4.60
CA GLU B 196 5.31 24.69 4.98
C GLU B 196 6.07 24.57 6.29
N VAL B 197 5.80 23.56 7.10
CA VAL B 197 6.48 23.39 8.39
C VAL B 197 7.51 22.29 8.36
N MET B 198 7.78 21.66 7.23
CA MET B 198 8.64 20.49 7.16
C MET B 198 9.90 20.82 6.38
N THR B 199 11.05 20.79 7.09
CA THR B 199 12.38 21.02 6.51
C THR B 199 13.35 19.87 6.68
N GLN B 200 13.07 18.90 7.54
CA GLN B 200 13.97 17.79 7.83
C GLN B 200 13.19 16.52 8.14
N ILE B 201 13.88 15.39 8.02
CA ILE B 201 13.40 14.14 8.62
C ILE B 201 14.46 13.59 9.57
N THR B 202 13.97 12.86 10.56
CA THR B 202 14.78 12.18 11.56
C THR B 202 14.69 10.68 11.32
N THR B 203 15.83 10.01 11.30
CA THR B 203 15.93 8.57 11.09
C THR B 203 16.90 7.97 12.10
N ILE B 204 16.66 6.70 12.44
CA ILE B 204 17.60 5.93 13.24
C ILE B 204 18.80 5.55 12.39
N GLY B 205 19.98 5.66 12.95
CA GLY B 205 21.20 5.36 12.21
C GLY B 205 21.28 3.91 11.77
N ASP B 206 22.04 3.71 10.69
CA ASP B 206 22.03 2.45 9.95
C ASP B 206 22.46 1.25 10.80
N LYS B 207 23.32 1.46 11.78
CA LYS B 207 23.86 0.34 12.56
C LYS B 207 22.77 -0.38 13.31
N TYR B 208 21.68 0.30 13.66
CA TYR B 208 20.55 -0.37 14.32
C TYR B 208 19.97 -1.48 13.45
N LEU B 209 20.09 -1.35 12.14
CA LEU B 209 19.48 -2.30 11.23
C LEU B 209 20.47 -3.33 10.70
N THR B 210 21.76 -3.18 11.00
CA THR B 210 22.79 -4.05 10.43
C THR B 210 23.65 -4.77 11.44
N THR B 211 23.74 -4.29 12.69
CA THR B 211 24.80 -4.65 13.61
C THR B 211 24.24 -5.26 14.88
N ILE B 212 24.71 -6.46 15.23
CA ILE B 212 24.52 -7.07 16.54
C ILE B 212 25.68 -6.65 17.45
N THR B 213 25.36 -6.34 18.72
CA THR B 213 26.32 -5.92 19.73
C THR B 213 26.12 -6.77 20.99
N LEU B 214 27.22 -7.24 21.57
CA LEU B 214 27.10 -8.13 22.71
C LEU B 214 28.30 -7.97 23.63
N ASP B 215 28.07 -8.34 24.89
CA ASP B 215 29.08 -8.41 25.92
C ASP B 215 29.23 -9.87 26.34
N ALA B 216 30.46 -10.29 26.62
CA ALA B 216 30.76 -11.66 26.99
C ALA B 216 31.97 -11.69 27.89
N ILE B 217 32.04 -12.73 28.70
CA ILE B 217 33.07 -12.87 29.72
C ILE B 217 33.39 -14.35 29.87
N ALA B 218 34.67 -14.66 29.93
CA ALA B 218 35.18 -16.01 30.15
C ALA B 218 35.57 -16.13 31.62
N GLY B 219 35.33 -17.29 32.20
CA GLY B 219 35.71 -17.56 33.58
C GLY B 219 36.42 -18.89 33.72
N SER B 220 37.48 -18.91 34.52
CA SER B 220 38.29 -20.10 34.66
C SER B 220 38.66 -20.31 36.12
N LYS B 221 38.93 -21.55 36.47
CA LYS B 221 39.25 -21.92 37.83
C LYS B 221 40.08 -23.20 37.81
N GLY B 222 41.24 -23.17 38.44
CA GLY B 222 42.01 -24.39 38.52
C GLY B 222 42.59 -24.74 37.16
N ASN B 223 42.46 -26.02 36.79
CA ASN B 223 43.08 -26.57 35.59
C ASN B 223 42.00 -27.19 34.71
N PRO B 224 41.28 -26.37 33.94
CA PRO B 224 40.27 -26.92 33.02
C PRO B 224 40.92 -27.68 31.88
N THR B 225 40.41 -28.88 31.61
CA THR B 225 40.96 -29.73 30.56
C THR B 225 39.80 -30.39 29.81
N GLN B 226 40.14 -31.25 28.86
CA GLN B 226 39.09 -31.99 28.16
C GLN B 226 38.37 -32.96 29.08
N SER B 227 38.95 -33.29 30.24
CA SER B 227 38.23 -34.09 31.21
C SER B 227 37.20 -33.28 31.99
N SER B 228 37.12 -31.97 31.75
CA SER B 228 36.18 -31.13 32.48
C SER B 228 34.78 -31.30 31.91
N ALA B 229 34.29 -32.54 31.83
CA ALA B 229 33.09 -32.86 31.08
C ALA B 229 31.86 -33.05 31.96
N THR B 230 31.81 -32.36 33.09
CA THR B 230 30.58 -32.28 33.89
C THR B 230 29.94 -30.94 33.59
N TYR B 231 28.76 -30.96 32.94
CA TYR B 231 28.20 -29.77 32.31
C TYR B 231 26.89 -29.31 32.95
N ALA B 232 26.60 -29.74 34.17
CA ALA B 232 25.33 -29.36 34.78
C ALA B 232 25.12 -27.85 34.89
N GLU B 233 26.19 -27.05 34.92
CA GLU B 233 26.07 -25.61 35.09
C GLU B 233 26.17 -24.83 33.78
N GLN B 234 26.09 -25.52 32.65
CA GLN B 234 26.41 -24.95 31.33
C GLN B 234 27.81 -24.35 31.33
N ASP B 235 28.73 -25.04 32.01
CA ASP B 235 30.16 -24.79 31.93
C ASP B 235 30.87 -26.13 32.04
N CYS B 236 32.19 -26.09 31.97
CA CYS B 236 33.02 -27.30 31.92
C CYS B 236 33.72 -27.46 33.28
N GLN B 237 33.31 -28.46 34.06
CA GLN B 237 33.91 -28.70 35.37
C GLN B 237 34.32 -30.16 35.52
N ASP B 238 35.36 -30.38 36.32
CA ASP B 238 35.72 -31.73 36.74
C ASP B 238 36.48 -31.63 38.05
N GLY B 239 36.43 -32.71 38.82
CA GLY B 239 37.16 -32.80 40.06
C GLY B 239 36.49 -32.07 41.21
N GLY B 240 36.81 -32.49 42.42
CA GLY B 240 36.22 -31.85 43.59
C GLY B 240 34.75 -32.18 43.69
N ASN B 241 33.95 -31.15 43.99
CA ASN B 241 32.49 -31.25 44.02
C ASN B 241 31.92 -30.20 43.07
N PRO B 242 31.75 -30.52 41.79
CA PRO B 242 31.27 -29.53 40.84
C PRO B 242 29.84 -29.11 41.14
N GLY B 243 29.49 -27.96 40.59
CA GLY B 243 28.20 -27.37 40.81
C GLY B 243 28.27 -25.86 40.66
N PRO B 244 27.32 -25.17 41.27
CA PRO B 244 27.16 -23.72 41.06
C PRO B 244 28.42 -22.91 41.33
N ASN B 245 28.60 -21.86 40.52
CA ASN B 245 29.67 -20.89 40.72
C ASN B 245 31.03 -21.58 40.75
N PHE B 246 31.28 -22.43 39.76
CA PHE B 246 32.56 -23.12 39.64
C PHE B 246 32.85 -23.94 40.90
N GLY B 247 31.88 -24.73 41.33
CA GLY B 247 32.09 -25.57 42.50
C GLY B 247 33.12 -26.68 42.31
N GLY B 248 33.38 -27.07 41.07
CA GLY B 248 34.36 -28.11 40.83
C GLY B 248 35.78 -27.63 41.03
N ALA B 249 36.69 -28.59 41.14
CA ALA B 249 38.10 -28.27 41.32
C ALA B 249 38.63 -27.47 40.14
N ASN B 250 38.25 -27.85 38.92
CA ASN B 250 38.62 -27.15 37.71
C ASN B 250 37.34 -26.79 36.96
N ALA B 251 37.34 -25.63 36.31
CA ALA B 251 36.15 -25.13 35.66
C ALA B 251 36.55 -24.16 34.57
N LEU B 252 35.77 -24.13 33.50
CA LEU B 252 35.88 -23.12 32.46
C LEU B 252 34.49 -22.89 31.89
N GLY B 253 34.25 -21.67 31.42
CA GLY B 253 32.99 -21.36 30.78
C GLY B 253 32.97 -19.93 30.30
N LEU B 254 31.88 -19.58 29.64
CA LEU B 254 31.66 -18.19 29.23
C LEU B 254 30.19 -17.87 29.36
N GLN B 255 29.89 -16.58 29.29
CA GLN B 255 28.51 -16.13 29.28
C GLN B 255 28.44 -14.88 28.44
N VAL B 256 27.43 -14.82 27.59
CA VAL B 256 27.06 -13.60 26.89
C VAL B 256 26.10 -12.86 27.81
N THR B 257 26.56 -11.76 28.38
CA THR B 257 25.84 -11.11 29.46
C THR B 257 24.89 -10.03 28.98
N LYS B 258 25.05 -9.54 27.75
CA LYS B 258 24.20 -8.47 27.26
C LYS B 258 24.28 -8.43 25.75
N LEU B 259 23.15 -8.18 25.10
CA LEU B 259 23.04 -7.94 23.68
C LEU B 259 22.15 -6.72 23.43
N GLY B 260 22.29 -6.17 22.24
CA GLY B 260 21.48 -5.06 21.71
C GLY B 260 22.34 -3.88 21.30
N THR B 261 22.07 -3.38 20.10
CA THR B 261 22.72 -2.19 19.58
C THR B 261 21.88 -0.98 19.95
N LYS B 262 22.55 0.10 20.36
CA LYS B 262 21.86 1.34 20.75
C LYS B 262 21.43 2.12 19.52
N ALA B 263 20.18 2.59 19.50
CA ALA B 263 19.64 3.36 18.37
C ALA B 263 19.97 4.83 18.53
N THR B 264 20.64 5.40 17.54
CA THR B 264 20.96 6.82 17.51
C THR B 264 20.19 7.51 16.39
N THR B 265 19.94 8.81 16.52
CA THR B 265 19.17 9.52 15.52
C THR B 265 20.07 10.38 14.63
N GLU B 266 19.61 10.59 13.41
CA GLU B 266 20.27 11.32 12.34
C GLU B 266 19.26 12.28 11.73
N LYS B 267 19.72 13.42 11.24
CA LYS B 267 18.85 14.41 10.61
C LYS B 267 19.23 14.56 9.15
N THR B 268 18.22 14.73 8.30
CA THR B 268 18.43 14.93 6.87
C THR B 268 17.58 16.11 6.41
N ASN B 269 18.22 17.03 5.70
CA ASN B 269 17.53 18.20 5.14
C ASN B 269 16.73 17.85 3.89
N LEU B 270 15.54 18.44 3.76
CA LEU B 270 14.68 18.13 2.62
C LEU B 270 14.96 19.00 1.40
N TYR B 271 15.43 20.24 1.57
CA TYR B 271 15.56 21.21 0.48
C TYR B 271 16.99 21.69 0.28
N THR B 272 17.30 22.08 -0.94
CA THR B 272 18.56 22.75 -1.23
C THR B 272 18.52 24.18 -0.71
N ALA B 273 19.61 24.93 -0.97
CA ALA B 273 19.86 26.23 -0.35
C ALA B 273 18.72 27.24 -0.58
N GLY B 274 18.07 27.22 -1.75
CA GLY B 274 16.97 28.12 -1.98
C GLY B 274 15.74 27.87 -1.13
N GLY B 275 15.59 26.65 -0.59
CA GLY B 275 14.45 26.28 0.22
C GLY B 275 13.20 25.88 -0.56
N THR B 276 13.32 25.68 -1.87
CA THR B 276 12.21 25.32 -2.74
C THR B 276 12.42 24.04 -3.52
N GLU B 277 13.65 23.73 -3.92
CA GLU B 277 13.97 22.52 -4.67
C GLU B 277 14.45 21.43 -3.74
N CYS B 278 14.12 20.20 -4.08
CA CYS B 278 14.42 19.07 -3.21
C CYS B 278 15.89 18.71 -3.27
N GLU B 279 16.47 18.51 -2.09
CA GLU B 279 17.79 17.95 -1.93
C GLU B 279 17.74 16.43 -2.15
N HIS B 280 18.93 15.84 -2.33
CA HIS B 280 19.11 14.39 -2.39
C HIS B 280 18.42 13.78 -3.59
N GLN B 281 18.39 14.52 -4.67
CA GLN B 281 17.78 14.02 -5.90
CA GLN B 281 17.77 14.00 -5.87
C GLN B 281 18.54 12.78 -6.38
N PRO B 282 17.84 11.77 -6.90
CA PRO B 282 18.54 10.56 -7.35
C PRO B 282 19.28 10.83 -8.65
N GLY B 283 20.30 10.02 -8.89
CA GLY B 283 21.17 10.20 -10.03
C GLY B 283 22.46 10.93 -9.74
N ASN B 284 22.97 10.87 -8.52
CA ASN B 284 24.24 11.50 -8.17
C ASN B 284 25.08 10.52 -7.39
N GLY B 285 25.00 9.24 -7.76
CA GLY B 285 25.71 8.23 -7.03
C GLY B 285 24.79 7.64 -6.00
N PRO B 286 25.25 6.59 -5.33
CA PRO B 286 24.36 5.89 -4.38
C PRO B 286 24.05 6.81 -3.22
N GLN B 287 22.93 6.54 -2.58
CA GLN B 287 22.47 7.37 -1.50
C GLN B 287 22.20 6.51 -0.28
N LYS B 288 22.39 7.11 0.88
CA LYS B 288 21.92 6.50 2.11
C LYS B 288 20.40 6.39 2.07
N THR B 289 19.87 5.35 2.75
CA THR B 289 18.43 5.22 2.95
C THR B 289 17.80 6.55 3.37
N LYS B 290 18.38 7.23 4.34
CA LYS B 290 17.73 8.44 4.86
C LYS B 290 17.66 9.52 3.80
N GLN B 291 18.62 9.56 2.88
CA GLN B 291 18.60 10.57 1.82
C GLN B 291 17.60 10.26 0.74
N ARG B 292 17.46 8.98 0.37
CA ARG B 292 16.38 8.56 -0.53
CA ARG B 292 16.38 8.57 -0.53
C ARG B 292 15.01 8.92 0.05
N LEU B 293 14.81 8.63 1.34
CA LEU B 293 13.55 8.98 1.99
C LEU B 293 13.31 10.48 1.95
N ALA B 294 14.33 11.28 2.29
CA ALA B 294 14.18 12.74 2.30
C ALA B 294 13.69 13.27 0.95
N TYR B 295 14.28 12.79 -0.14
CA TYR B 295 13.87 13.26 -1.47
C TYR B 295 12.42 12.90 -1.76
N LEU B 296 12.00 11.68 -1.43
CA LEU B 296 10.61 11.28 -1.67
C LEU B 296 9.63 12.11 -0.85
N VAL B 297 9.95 12.34 0.42
CA VAL B 297 9.10 13.19 1.26
C VAL B 297 9.03 14.60 0.71
N CYS B 298 10.17 15.15 0.30
CA CYS B 298 10.17 16.52 -0.21
C CYS B 298 9.34 16.63 -1.48
N GLU B 299 9.48 15.69 -2.41
CA GLU B 299 8.68 15.75 -3.63
C GLU B 299 7.20 15.53 -3.34
N ALA B 300 6.88 14.60 -2.43
CA ALA B 300 5.50 14.39 -2.01
C ALA B 300 4.92 15.64 -1.36
N ASN B 301 5.72 16.37 -0.58
CA ASN B 301 5.27 17.62 0.01
C ASN B 301 5.01 18.68 -1.05
N LYS B 302 5.85 18.73 -2.08
CA LYS B 302 5.68 19.70 -3.16
C LYS B 302 4.49 19.37 -4.05
N ALA B 303 4.17 18.08 -4.22
CA ALA B 303 3.14 17.64 -5.16
C ALA B 303 1.75 17.84 -4.56
N ALA B 304 1.36 19.10 -4.43
CA ALA B 304 0.12 19.44 -3.76
C ALA B 304 -1.08 19.03 -4.62
N ILE B 305 -2.08 18.45 -3.97
CA ILE B 305 -3.31 17.97 -4.60
C ILE B 305 -4.37 19.03 -4.44
N ILE B 306 -5.00 19.42 -5.54
CA ILE B 306 -6.11 20.37 -5.54
C ILE B 306 -7.41 19.58 -5.52
N THR B 307 -8.16 19.68 -4.42
CA THR B 307 -9.42 18.94 -4.34
C THR B 307 -10.51 19.74 -5.05
N PRO B 308 -11.32 19.10 -5.90
CA PRO B 308 -12.31 19.85 -6.68
C PRO B 308 -13.45 20.40 -5.82
N THR B 309 -14.18 21.36 -6.40
CA THR B 309 -15.37 21.88 -5.75
C THR B 309 -16.39 20.77 -5.54
N ASP B 310 -17.02 20.76 -4.36
CA ASP B 310 -18.03 19.76 -4.04
C ASP B 310 -19.34 20.17 -4.70
N LEU B 311 -19.72 19.45 -5.74
CA LEU B 311 -20.97 19.72 -6.42
C LEU B 311 -22.16 19.53 -5.50
N GLN B 312 -22.14 18.50 -4.66
CA GLN B 312 -23.32 18.17 -3.86
C GLN B 312 -23.65 19.21 -2.80
N THR B 313 -22.74 20.15 -2.53
CA THR B 313 -22.98 21.20 -1.54
C THR B 313 -22.74 22.57 -2.16
N LEU B 314 -22.83 22.67 -3.48
CA LEU B 314 -22.63 23.93 -4.16
C LEU B 314 -23.63 24.96 -3.66
N THR B 315 -23.16 26.18 -3.52
CA THR B 315 -24.01 27.32 -3.26
C THR B 315 -24.18 28.11 -4.53
N LEU B 316 -25.13 29.03 -4.50
CA LEU B 316 -25.42 29.84 -5.68
C LEU B 316 -24.24 30.75 -6.01
N ASP B 317 -23.67 31.42 -5.00
CA ASP B 317 -22.55 32.32 -5.24
C ASP B 317 -21.33 31.56 -5.76
N ALA B 318 -21.11 30.35 -5.27
CA ALA B 318 -20.05 29.52 -5.81
C ALA B 318 -20.27 29.22 -7.29
N LEU B 319 -21.53 28.92 -7.65
CA LEU B 319 -21.82 28.51 -9.02
C LEU B 319 -21.75 29.69 -9.99
N ILE B 320 -22.37 30.83 -9.64
CA ILE B 320 -22.41 31.94 -10.58
C ILE B 320 -21.03 32.59 -10.73
N SER B 321 -20.20 32.55 -9.70
CA SER B 321 -18.89 33.19 -9.78
C SER B 321 -17.81 32.23 -10.25
N ALA B 322 -18.12 30.97 -10.47
CA ALA B 322 -17.14 30.05 -11.06
C ALA B 322 -16.86 30.47 -12.49
N PRO B 323 -15.59 30.67 -12.88
CA PRO B 323 -15.31 31.17 -14.23
C PRO B 323 -15.74 30.23 -15.35
N GLU B 324 -15.87 28.93 -15.10
CA GLU B 324 -16.35 28.03 -16.14
C GLU B 324 -17.80 28.31 -16.53
N MET B 325 -18.59 28.88 -15.63
CA MET B 325 -20.02 29.09 -15.88
C MET B 325 -20.29 30.26 -16.80
N ALA B 326 -19.28 31.07 -17.12
CA ALA B 326 -19.44 32.14 -18.10
C ALA B 326 -19.72 31.56 -19.48
N ALA B 327 -18.80 30.74 -19.99
CA ALA B 327 -19.02 30.13 -21.30
C ALA B 327 -20.18 29.14 -21.27
N ILE B 328 -20.34 28.41 -20.16
CA ILE B 328 -21.38 27.38 -20.10
C ILE B 328 -22.76 28.02 -20.06
N GLY B 329 -22.90 29.18 -19.40
CA GLY B 329 -24.17 29.87 -19.43
C GLY B 329 -24.46 30.50 -20.78
N ASP B 330 -23.43 31.10 -21.40
CA ASP B 330 -23.56 31.68 -22.72
C ASP B 330 -23.99 30.65 -23.75
N ALA B 331 -23.70 29.38 -23.51
CA ALA B 331 -24.03 28.37 -24.50
C ALA B 331 -25.42 27.83 -24.32
N LEU B 332 -25.96 27.86 -23.11
CA LEU B 332 -27.25 27.25 -22.84
C LEU B 332 -28.33 28.25 -22.48
N LEU B 333 -27.96 29.44 -22.03
CA LEU B 333 -28.94 30.40 -21.55
C LEU B 333 -29.21 31.54 -22.53
N THR B 334 -28.23 31.87 -23.37
CA THR B 334 -28.35 32.60 -24.64
C THR B 334 -26.96 32.96 -25.15
N PRO B 337 -24.51 32.63 -28.86
CA PRO B 337 -23.32 32.56 -28.01
C PRO B 337 -22.13 33.25 -28.64
N ALA B 338 -21.62 34.29 -27.99
CA ALA B 338 -20.49 35.04 -28.53
C ALA B 338 -19.31 34.10 -28.75
N THR B 339 -18.47 34.45 -29.72
CA THR B 339 -17.43 33.54 -30.21
C THR B 339 -16.02 34.08 -30.00
N TYR B 343 -15.36 38.04 -23.51
CA TYR B 343 -16.55 38.71 -22.96
C TYR B 343 -16.22 40.11 -22.43
N SER B 344 -16.91 41.12 -22.96
CA SER B 344 -16.76 42.46 -22.45
C SER B 344 -17.18 42.53 -20.98
N SER B 345 -17.00 43.71 -20.40
CA SER B 345 -17.56 43.94 -19.07
C SER B 345 -19.07 43.75 -19.07
N ALA B 346 -19.74 44.29 -20.09
CA ALA B 346 -21.19 44.17 -20.18
C ALA B 346 -21.63 42.72 -20.32
N GLN B 347 -21.01 41.99 -21.24
CA GLN B 347 -21.42 40.62 -21.49
C GLN B 347 -21.34 39.79 -20.22
N HIS B 348 -20.34 40.07 -19.37
CA HIS B 348 -20.22 39.34 -18.12
C HIS B 348 -21.35 39.69 -17.15
N THR B 349 -21.72 40.97 -17.09
CA THR B 349 -22.90 41.36 -16.31
C THR B 349 -24.14 40.65 -16.82
N GLN B 350 -24.30 40.61 -18.15
CA GLN B 350 -25.48 39.97 -18.73
C GLN B 350 -25.53 38.48 -18.37
N ILE B 351 -24.39 37.80 -18.43
CA ILE B 351 -24.42 36.37 -18.19
C ILE B 351 -24.75 36.07 -16.73
N GLN B 352 -24.29 36.91 -15.81
CA GLN B 352 -24.58 36.70 -14.40
C GLN B 352 -26.09 36.69 -14.15
N GLN B 353 -26.80 37.68 -14.67
CA GLN B 353 -28.24 37.72 -14.43
C GLN B 353 -28.96 36.64 -15.21
N LEU B 354 -28.40 36.22 -16.34
CA LEU B 354 -28.92 35.02 -16.98
C LEU B 354 -28.80 33.81 -16.05
N LEU B 355 -27.69 33.71 -15.30
CA LEU B 355 -27.50 32.58 -14.40
C LEU B 355 -28.43 32.65 -13.21
N LYS B 356 -28.58 33.84 -12.63
CA LYS B 356 -29.55 33.99 -11.56
C LYS B 356 -30.96 33.69 -12.06
N LYS B 357 -31.26 34.03 -13.32
CA LYS B 357 -32.56 33.69 -13.88
C LYS B 357 -32.77 32.18 -13.89
N ALA B 358 -31.75 31.42 -14.30
CA ALA B 358 -31.93 29.98 -14.44
C ALA B 358 -31.84 29.25 -13.11
N TYR B 359 -30.93 29.66 -12.22
CA TYR B 359 -30.63 28.90 -11.02
C TYR B 359 -31.26 29.48 -9.77
N GLY B 360 -31.70 30.73 -9.81
CA GLY B 360 -32.37 31.31 -8.66
C GLY B 360 -31.83 32.67 -8.31
N GLN B 361 -32.63 33.48 -7.65
CA GLN B 361 -32.11 34.73 -7.15
C GLN B 361 -31.42 34.59 -5.80
N THR B 362 -31.77 33.56 -5.03
CA THR B 362 -31.15 33.33 -3.73
C THR B 362 -30.58 31.93 -3.63
N ASN B 363 -29.70 31.76 -2.66
CA ASN B 363 -29.14 30.45 -2.42
C ASN B 363 -30.20 29.50 -1.86
N GLU B 364 -31.17 29.98 -1.09
CA GLU B 364 -32.22 29.09 -0.61
C GLU B 364 -33.06 28.56 -1.77
N GLN B 365 -33.25 29.35 -2.80
CA GLN B 365 -33.95 28.83 -3.96
C GLN B 365 -33.10 27.80 -4.69
N PHE B 366 -31.83 28.14 -4.97
CA PHE B 366 -30.93 27.21 -5.64
C PHE B 366 -30.81 25.90 -4.88
N GLN B 367 -30.62 25.97 -3.56
CA GLN B 367 -30.65 24.77 -2.73
C GLN B 367 -31.92 23.98 -2.98
N LYS B 368 -33.07 24.67 -2.98
CA LYS B 368 -34.35 24.00 -2.99
C LYS B 368 -34.63 23.33 -4.32
N ASN B 369 -34.13 23.93 -5.41
CA ASN B 369 -34.44 23.45 -6.75
C ASN B 369 -33.37 22.54 -7.32
N PHE B 370 -32.12 22.71 -6.94
CA PHE B 370 -31.06 21.95 -7.56
C PHE B 370 -30.29 21.02 -6.63
N ILE B 371 -30.23 21.33 -5.32
CA ILE B 371 -29.37 20.62 -4.38
C ILE B 371 -30.18 19.66 -3.52
N LYS B 372 -31.17 20.19 -2.82
CA LYS B 372 -32.00 19.35 -1.95
C LYS B 372 -32.67 18.18 -2.65
N PRO B 373 -33.13 18.25 -3.91
CA PRO B 373 -33.82 17.09 -4.50
C PRO B 373 -32.96 15.86 -4.66
N LEU B 374 -31.64 15.96 -4.59
CA LEU B 374 -30.81 14.79 -4.78
C LEU B 374 -31.06 13.77 -3.68
N ALA B 375 -31.22 14.25 -2.45
CA ALA B 375 -31.48 13.35 -1.33
C ALA B 375 -32.94 13.34 -0.91
N ALA B 376 -33.70 14.36 -1.29
CA ALA B 376 -35.04 14.54 -0.75
C ALA B 376 -36.14 14.16 -1.73
N GLN B 377 -35.84 14.08 -3.02
CA GLN B 377 -36.87 13.81 -4.03
C GLN B 377 -36.88 12.31 -4.32
N THR B 378 -37.97 11.66 -3.94
CA THR B 378 -38.20 10.26 -4.26
C THR B 378 -38.61 10.11 -5.71
N VAL B 379 -38.04 9.09 -6.37
CA VAL B 379 -38.33 8.78 -7.77
C VAL B 379 -38.83 7.35 -7.84
N LYS B 380 -39.99 7.15 -8.46
CA LYS B 380 -40.58 5.82 -8.60
C LYS B 380 -41.03 5.61 -10.04
N PHE B 381 -41.12 4.33 -10.43
CA PHE B 381 -41.56 3.90 -11.75
C PHE B 381 -41.56 2.37 -11.83
N LYS B 382 -41.97 1.83 -12.98
CA LYS B 382 -42.21 0.40 -13.14
C LYS B 382 -42.14 0.07 -14.62
N ILE B 383 -41.33 -0.92 -15.01
CA ILE B 383 -41.15 -1.22 -16.43
C ILE B 383 -40.88 -2.70 -16.70
N GLY B 384 -39.75 -3.22 -16.25
CA GLY B 384 -39.35 -4.54 -16.68
C GLY B 384 -39.80 -5.66 -15.76
N GLY B 385 -41.00 -5.53 -15.22
CA GLY B 385 -41.41 -6.39 -14.13
C GLY B 385 -40.70 -6.09 -12.83
N ALA B 386 -40.21 -4.86 -12.66
CA ALA B 386 -39.41 -4.45 -11.50
C ALA B 386 -39.96 -3.14 -10.95
N GLU B 387 -40.38 -3.16 -9.67
CA GLU B 387 -40.78 -1.94 -8.97
C GLU B 387 -39.56 -1.27 -8.38
N VAL B 388 -39.42 0.04 -8.60
CA VAL B 388 -38.24 0.78 -8.21
C VAL B 388 -38.66 2.09 -7.54
N SER B 389 -38.13 2.33 -6.34
CA SER B 389 -38.41 3.53 -5.58
C SER B 389 -37.20 3.83 -4.72
N ASN B 390 -36.73 5.07 -4.80
CA ASN B 390 -35.46 5.49 -4.25
C ASN B 390 -35.41 7.00 -4.39
N THR B 391 -34.57 7.65 -3.59
CA THR B 391 -34.33 9.06 -3.84
C THR B 391 -33.45 9.21 -5.07
N VAL B 392 -33.26 10.46 -5.53
CA VAL B 392 -32.57 10.69 -6.81
C VAL B 392 -31.12 10.21 -6.76
N ALA B 393 -30.35 10.70 -5.78
CA ALA B 393 -28.91 10.44 -5.77
C ALA B 393 -28.61 8.98 -5.46
N ALA B 394 -29.40 8.38 -4.57
CA ALA B 394 -29.23 6.97 -4.25
C ALA B 394 -29.56 6.09 -5.44
N LEU B 395 -30.65 6.42 -6.15
CA LEU B 395 -31.06 5.68 -7.35
C LEU B 395 -30.03 5.80 -8.46
N MET B 396 -29.45 6.99 -8.63
CA MET B 396 -28.50 7.18 -9.72
C MET B 396 -27.11 6.63 -9.40
N SER B 397 -26.90 6.10 -8.19
CA SER B 397 -25.72 5.30 -7.87
C SER B 397 -26.06 3.85 -7.54
N SER B 398 -27.28 3.41 -7.74
CA SER B 398 -27.77 2.09 -7.41
C SER B 398 -27.71 1.18 -8.64
N PRO B 399 -27.99 -0.12 -8.50
CA PRO B 399 -27.96 -0.98 -9.69
C PRO B 399 -29.13 -0.77 -10.64
N ASN B 400 -29.92 0.28 -10.41
CA ASN B 400 -31.03 0.65 -11.29
C ASN B 400 -30.84 2.01 -11.91
N SER B 401 -29.64 2.57 -11.81
CA SER B 401 -29.41 3.96 -12.20
C SER B 401 -29.70 4.20 -13.67
N GLY B 402 -29.00 3.48 -14.55
CA GLY B 402 -29.21 3.67 -15.98
C GLY B 402 -30.62 3.35 -16.42
N LEU B 403 -31.27 2.38 -15.77
CA LEU B 403 -32.64 2.04 -16.11
C LEU B 403 -33.59 3.20 -15.82
N ALA B 404 -33.41 3.88 -14.68
CA ALA B 404 -34.24 5.04 -14.39
C ALA B 404 -34.06 6.13 -15.44
N LEU B 405 -32.85 6.28 -15.97
CA LEU B 405 -32.61 7.30 -16.98
C LEU B 405 -33.35 6.99 -18.28
N ALA B 406 -33.39 5.72 -18.68
CA ALA B 406 -34.09 5.34 -19.91
C ALA B 406 -35.59 5.46 -19.76
N TYR B 407 -36.11 5.21 -18.56
CA TYR B 407 -37.54 5.34 -18.34
C TYR B 407 -37.98 6.78 -18.53
N HIS B 408 -37.27 7.72 -17.90
CA HIS B 408 -37.73 9.09 -17.93
C HIS B 408 -37.38 9.78 -19.24
N LYS B 409 -36.26 9.44 -19.87
CA LYS B 409 -36.02 9.97 -21.21
CA LYS B 409 -35.99 9.92 -21.22
C LYS B 409 -36.99 9.37 -22.23
N GLY B 410 -37.62 8.25 -21.92
CA GLY B 410 -38.58 7.62 -22.80
C GLY B 410 -39.94 8.29 -22.74
N LYS B 411 -40.37 8.67 -21.53
CA LYS B 411 -41.58 9.49 -21.39
C LYS B 411 -41.40 10.83 -22.07
N ASN B 412 -40.20 11.40 -22.00
CA ASN B 412 -39.91 12.66 -22.68
C ASN B 412 -39.57 12.43 -24.15
C1 NAG C . 6.27 -7.20 10.68
C2 NAG C . 4.98 -7.94 10.98
C3 NAG C . 4.29 -7.35 12.21
C4 NAG C . 5.26 -7.03 13.36
C5 NAG C . 6.53 -6.39 12.85
C6 NAG C . 7.57 -6.24 13.97
C7 NAG C . 3.94 -8.88 8.96
C8 NAG C . 2.97 -8.67 7.87
N2 NAG C . 4.07 -7.88 9.84
O3 NAG C . 3.29 -8.27 12.66
O4 NAG C . 4.64 -6.10 14.22
O5 NAG C . 7.08 -7.18 11.83
O6 NAG C . 7.94 -7.53 14.46
O7 NAG C . 4.57 -9.92 9.05
C1 NAG C . 4.17 -6.68 15.40
C2 NAG C . 3.93 -5.56 16.43
C3 NAG C . 3.20 -6.10 17.65
C4 NAG C . 2.01 -6.94 17.25
C5 NAG C . 2.43 -8.01 16.25
C6 NAG C . 1.27 -8.90 15.82
C7 NAG C . 5.72 -3.86 16.41
C8 NAG C . 7.05 -3.49 16.98
N2 NAG C . 5.21 -5.01 16.87
O3 NAG C . 2.73 -5.00 18.44
O4 NAG C . 1.52 -7.57 18.42
O5 NAG C . 2.96 -7.36 15.12
O6 NAG C . 0.22 -8.07 15.35
O7 NAG C . 5.16 -3.19 15.60
C1 BMA C . 0.13 -7.34 18.58
C2 BMA C . -0.41 -8.39 19.55
C3 BMA C . -1.83 -8.09 19.99
C4 BMA C . -1.97 -6.63 20.36
C5 BMA C . -1.41 -5.72 19.28
C6 BMA C . -1.47 -4.25 19.71
O2 BMA C . 0.44 -8.43 20.69
O3 BMA C . -2.12 -8.87 21.15
O4 BMA C . -3.36 -6.32 20.57
O5 BMA C . -0.05 -6.05 19.09
O6 BMA C . -0.73 -4.14 20.93
C1 MAN C . -0.66 -2.81 21.48
C2 MAN C . 0.17 -2.98 22.75
C3 MAN C . -0.58 -3.87 23.72
C4 MAN C . -1.96 -3.30 23.99
C5 MAN C . -2.70 -3.10 22.69
C6 MAN C . -4.07 -2.49 22.93
O2 MAN C . 0.40 -1.70 23.33
O3 MAN C . 0.15 -3.97 24.94
O4 MAN C . -2.69 -4.20 24.83
O5 MAN C . -1.93 -2.25 21.81
O6 MAN C . -3.96 -1.53 23.98
C1 MAN C . -4.25 -0.23 23.44
C2 MAN C . -3.99 0.85 24.44
C3 MAN C . -5.05 0.84 25.51
C4 MAN C . -6.45 0.90 24.86
C5 MAN C . -6.59 -0.14 23.75
C6 MAN C . -7.92 0.03 23.02
O2 MAN C . -3.99 2.12 23.79
O3 MAN C . -4.88 1.95 26.38
O4 MAN C . -7.44 0.64 25.86
O5 MAN C . -5.51 -0.01 22.81
O6 MAN C . -7.84 1.13 22.11
C1 MAN C . -2.69 2.61 23.41
C2 MAN C . -2.82 4.09 23.10
C3 MAN C . -3.63 4.29 21.85
C4 MAN C . -3.03 3.51 20.69
C5 MAN C . -2.81 2.05 21.08
C6 MAN C . -2.07 1.32 19.98
O2 MAN C . -1.51 4.65 22.92
O3 MAN C . -3.67 5.68 21.51
O4 MAN C . -3.90 3.58 19.56
O5 MAN C . -2.06 1.95 22.31
O6 MAN C . -0.72 1.80 19.92
C1 MAN C . 0.36 -5.36 25.27
C2 MAN C . 0.12 -5.54 26.76
C3 MAN C . 1.11 -4.71 27.59
C4 MAN C . 2.54 -4.78 27.03
C5 MAN C . 2.60 -4.76 25.51
C6 MAN C . 3.99 -5.09 25.02
O2 MAN C . 0.24 -6.92 27.10
O3 MAN C . 1.11 -5.20 28.93
O4 MAN C . 3.27 -3.65 27.53
O5 MAN C . 1.68 -5.72 24.99
O6 MAN C . 4.78 -3.90 25.03
C1 MAN C . -2.87 -10.07 20.94
C2 MAN C . -3.31 -10.48 22.34
C3 MAN C . -2.11 -10.74 23.19
C4 MAN C . -1.24 -11.81 22.53
C5 MAN C . -0.92 -11.44 21.08
C6 MAN C . -0.18 -12.56 20.37
O2 MAN C . -4.08 -11.69 22.27
O3 MAN C . -2.53 -11.19 24.49
O4 MAN C . -0.02 -11.96 23.27
O5 MAN C . -2.13 -11.12 20.35
O6 MAN C . 0.11 -12.17 19.02
C1 MAN C . -5.46 -11.76 22.75
C2 MAN C . -6.18 -13.10 22.41
C3 MAN C . -6.94 -13.02 21.11
C4 MAN C . -7.78 -11.77 21.07
C5 MAN C . -6.92 -10.55 21.32
C6 MAN C . -7.75 -9.27 21.23
O2 MAN C . -7.07 -13.44 23.47
O3 MAN C . -7.78 -14.16 20.99
O4 MAN C . -8.42 -11.67 19.78
O5 MAN C . -6.35 -10.64 22.62
O6 MAN C . -7.09 -8.34 20.39
C1 NAG D . 14.25 -1.85 3.98
C2 NAG D . 14.84 -0.76 3.10
C3 NAG D . 15.50 -1.36 1.86
C4 NAG D . 16.38 -2.58 2.17
C5 NAG D . 15.69 -3.52 3.15
C6 NAG D . 16.59 -4.68 3.59
C7 NAG D . 13.61 1.37 3.25
C8 NAG D . 12.53 2.23 2.61
N2 NAG D . 13.81 0.18 2.66
O3 NAG D . 16.30 -0.36 1.21
O4 NAG D . 16.56 -3.31 0.97
O5 NAG D . 15.27 -2.78 4.28
O6 NAG D . 17.81 -4.21 4.19
O7 NAG D . 14.24 1.74 4.22
C1 NAG D . 17.84 -3.24 0.42
C2 NAG D . 17.91 -4.36 -0.63
C3 NAG D . 19.09 -4.20 -1.55
C4 NAG D . 19.28 -2.77 -2.01
C5 NAG D . 19.25 -1.84 -0.80
C6 NAG D . 19.46 -0.39 -1.18
C7 NAG D . 17.03 -6.46 0.26
C8 NAG D . 17.38 -7.76 0.90
N2 NAG D . 18.05 -5.64 0.04
O3 NAG D . 18.90 -5.05 -2.67
O4 NAG D . 20.55 -2.68 -2.65
O5 NAG D . 18.01 -1.97 -0.17
O6 NAG D . 18.45 0.00 -2.10
O7 NAG D . 15.91 -6.19 -0.07
C1 BMA D . 20.52 -1.94 -3.88
C2 BMA D . 21.96 -1.74 -4.33
C3 BMA D . 22.02 -0.94 -5.62
C4 BMA D . 21.04 -1.48 -6.65
C5 BMA D . 19.67 -1.80 -6.03
C6 BMA D . 18.69 -2.44 -7.02
O2 BMA D . 22.51 -3.03 -4.56
O3 BMA D . 23.33 -1.06 -6.15
O4 BMA D . 20.90 -0.52 -7.70
O5 BMA D . 19.84 -2.64 -4.90
O6 BMA D . 19.37 -3.45 -7.79
C1 MAN D . 24.03 0.18 -6.19
C2 MAN D . 25.33 0.05 -6.94
C3 MAN D . 26.32 -0.76 -6.14
C4 MAN D . 26.49 -0.14 -4.77
C5 MAN D . 25.14 0.05 -4.09
C6 MAN D . 25.28 0.75 -2.75
O2 MAN D . 25.84 1.33 -7.11
O3 MAN D . 27.58 -0.81 -6.81
O4 MAN D . 27.32 -0.98 -3.97
O5 MAN D . 24.27 0.81 -4.94
O6 MAN D . 23.99 0.78 -2.11
C1 MAN D . 25.87 1.73 -8.53
C2 MAN D . 26.62 3.01 -8.83
C3 MAN D . 25.80 4.20 -8.44
C4 MAN D . 24.44 4.16 -9.12
C5 MAN D . 23.77 2.80 -8.89
C6 MAN D . 22.46 2.70 -9.67
O2 MAN D . 26.87 3.07 -10.23
O3 MAN D . 26.47 5.39 -8.84
O4 MAN D . 23.63 5.20 -8.59
O5 MAN D . 24.64 1.73 -9.27
O6 MAN D . 22.73 2.75 -11.07
C1 MAN D . 28.18 2.62 -10.54
C2 MAN D . 28.70 3.38 -11.76
C3 MAN D . 28.00 2.94 -13.03
C4 MAN D . 27.98 1.44 -13.14
C5 MAN D . 27.45 0.82 -11.87
C6 MAN D . 27.44 -0.70 -11.96
O2 MAN D . 30.10 3.17 -11.91
O3 MAN D . 28.69 3.49 -14.16
O4 MAN D . 27.16 1.04 -14.24
O5 MAN D . 28.26 1.22 -10.77
O6 MAN D . 28.69 -1.19 -11.48
C1 MAN D . 18.48 -4.20 -8.65
C2 MAN D . 19.35 -5.27 -9.31
C3 MAN D . 20.39 -4.63 -10.23
C4 MAN D . 19.74 -3.63 -11.19
C5 MAN D . 18.80 -2.68 -10.46
C6 MAN D . 18.05 -1.78 -11.45
O2 MAN D . 18.53 -6.15 -10.06
O3 MAN D . 21.02 -5.66 -10.98
O4 MAN D . 20.76 -2.87 -11.84
O5 MAN D . 17.86 -3.42 -9.68
O6 MAN D . 17.84 -0.48 -10.88
C1 MAN D . 22.48 -5.69 -10.88
C2 MAN D . 23.07 -5.81 -12.25
C3 MAN D . 22.64 -7.11 -12.87
C4 MAN D . 23.00 -8.27 -11.96
C5 MAN D . 22.55 -8.02 -10.51
C6 MAN D . 23.13 -9.08 -9.59
O2 MAN D . 24.48 -5.80 -12.13
O3 MAN D . 23.30 -7.26 -14.12
O4 MAN D . 22.37 -9.46 -12.44
O5 MAN D . 22.98 -6.72 -10.07
O6 MAN D . 24.51 -9.28 -9.90
C1 MAN D . 25.14 -4.56 -12.40
C2 MAN D . 26.55 -4.93 -12.77
C3 MAN D . 27.28 -5.54 -11.59
C4 MAN D . 27.17 -4.62 -10.38
C5 MAN D . 25.73 -4.21 -10.12
C6 MAN D . 25.67 -3.16 -9.02
O2 MAN D . 27.25 -3.78 -13.21
O3 MAN D . 28.66 -5.73 -11.91
O4 MAN D . 27.67 -5.30 -9.23
O5 MAN D . 25.16 -3.65 -11.32
O6 MAN D . 24.32 -2.84 -8.73
O35 SVR E . 13.39 4.41 -3.00
S31 SVR E . 13.86 2.99 -3.23
O36 SVR E . 14.42 2.64 -1.86
O34 SVR E . 14.94 2.96 -4.30
C22 SVR E . 12.46 1.87 -3.72
C18 SVR E . 11.37 1.69 -2.86
C11 SVR E . 10.31 0.84 -3.24
S17 SVR E . 9.21 0.98 -1.80
O23 SVR E . 9.99 1.26 -0.55
O24 SVR E . 8.33 2.20 -1.88
O25 SVR E . 8.38 -0.28 -1.65
C16 SVR E . 12.49 1.21 -4.95
C10 SVR E . 11.42 0.37 -5.33
C15 SVR E . 11.47 -0.29 -6.57
S21 SVR E . 12.75 -0.23 -7.86
O28 SVR E . 12.94 1.18 -8.37
O29 SVR E . 14.13 -0.54 -7.28
O30 SVR E . 12.40 -1.18 -8.97
C12 SVR E . 10.42 -1.14 -6.96
C7 SVR E . 9.34 -1.32 -6.11
C6 SVR E . 10.34 0.18 -4.48
C3 SVR E . 9.28 -0.69 -4.88
N1 SVR E . 8.10 -0.87 -4.00
C2 SVR E . 6.79 -0.36 -4.57
O4 SVR E . 6.79 0.11 -5.66
C5 SVR E . 5.45 -0.47 -3.82
C8 SVR E . 5.39 -0.65 -2.42
C9 SVR E . 4.27 -0.37 -4.54
C14 SVR E . 3.04 -0.46 -3.92
C20 SVR E . 2.99 -0.64 -2.55
C27 SVR E . 1.64 -0.74 -1.84
C13 SVR E . 4.16 -0.73 -1.81
N19 SVR E . 4.03 -0.94 -0.33
C26 SVR E . 5.16 -1.42 0.46
O32 SVR E . 6.20 -1.64 -0.04
C33 SVR E . 4.98 -1.68 1.98
C37 SVR E . 3.73 -1.68 2.56
C38 SVR E . 6.11 -1.95 2.73
C40 SVR E . 6.01 -2.19 4.07
C42 SVR E . 4.76 -2.18 4.66
C39 SVR E . 3.62 -1.93 3.92
N41 SVR E . 2.37 -1.95 4.64
C43 SVR E . 1.16 -1.25 4.27
O45 SVR E . 1.05 -0.60 3.28
N44 SVR E . 0.03 -1.43 5.21
C46 SVR E . -1.32 -0.83 5.09
C47 SVR E . -2.28 -1.25 5.99
C48 SVR E . -1.61 0.17 4.17
C50 SVR E . -2.90 0.71 4.14
C52 SVR E . -3.88 0.27 5.04
C49 SVR E . -3.56 -0.72 5.97
C51 SVR E . -4.62 -1.27 7.00
O54 SVR E . -5.20 -0.53 7.72
N53 SVR E . -4.85 -2.74 7.09
C55 SVR E . -5.80 -3.37 8.05
C56 SVR E . -5.30 -3.92 9.23
C57 SVR E . -7.17 -3.46 7.78
C59 SVR E . -7.75 -2.87 6.49
C60 SVR E . -8.01 -4.07 8.71
C62 SVR E . -7.50 -4.61 9.88
C58 SVR E . -6.13 -4.54 10.15
C61 SVR E . -5.57 -5.15 11.49
O64 SVR E . -6.33 -5.41 12.37
N63 SVR E . -4.11 -5.39 11.70
C65 SVR E . -3.15 -5.09 10.64
C67 SVR E . -2.83 -6.11 9.76
C70 SVR E . -1.91 -5.87 8.71
C71 SVR E . -1.33 -4.62 8.56
S75 SVR E . -0.18 -4.52 7.15
O80 SVR E . 0.77 -5.70 7.14
O81 SVR E . -0.93 -4.73 5.87
O82 SVR E . 0.56 -3.20 7.13
C66 SVR E . -2.55 -3.80 10.49
C68 SVR E . -1.66 -3.58 9.46
C72 SVR E . -1.05 -2.31 9.29
C69 SVR E . -2.86 -2.73 11.38
S73 SVR E . -3.91 -2.42 12.85
O77 SVR E . -4.03 -3.65 13.72
O78 SVR E . -3.23 -1.44 13.80
O79 SVR E . -5.28 -1.90 12.41
C74 SVR E . -2.27 -1.48 11.21
C76 SVR E . -1.36 -1.27 10.16
S83 SVR E . -0.63 0.39 9.99
O85 SVR E . -0.75 1.17 11.30
O86 SVR E . -1.25 1.16 8.84
O84 SVR E . 0.83 0.31 9.54
#